data_5WHC
#
_entry.id   5WHC
#
_cell.length_a   76.292
_cell.length_b   69.279
_cell.length_c   77.070
_cell.angle_alpha   90.000
_cell.angle_beta   95.000
_cell.angle_gamma   90.000
#
_symmetry.space_group_name_H-M   'P 1 21 1'
#
loop_
_entity.id
_entity.type
_entity.pdbx_description
1 polymer 'Ubiquitin carboxyl-terminal hydrolase 7'
2 non-polymer 4-[3-(1-methylpiperidin-4-yl)-1,2,4-oxadiazol-5-yl]phenol
3 non-polymer GLYCEROL
4 water water
#
_entity_poly.entity_id   1
_entity_poly.type   'polypeptide(L)'
_entity_poly.pdbx_seq_one_letter_code
;KHTGYVGLKNQGATCYMNSLLQTLFFTNQLRKAVYMMPTEGDDSSKSVPLALQRVFYELQHSDKPVGTKKLTKSFGWETL
DSFMQHDVQELCRVLLDNVENKMKGTCVEGTIPKLFRGKMVSYIQCKEVDYRSDRREDYYDIQLSIKGKKNIFESFVDYV
AVEQLDGDNKYDAGEHGLQEAEKGVKFLTLPPVLHLQLMRFMYDPQTDQNIKINDRFEFPEQLPLDEFLQKTDPKDPANY
ILHAVLVHSGDNHGGHYVVYLNPKGDGKWCKFDDDVVSRCTKEEAIEHNYGGHDDDLSVRHCTNAYMLVYIRESKLSEVL
QAVTDHDIPQQLVERLQEEKRIEAQK
;
_entity_poly.pdbx_strand_id   A,B
#
loop_
_chem_comp.id
_chem_comp.type
_chem_comp.name
_chem_comp.formula
AJJ non-polymer 4-[3-(1-methylpiperidin-4-yl)-1,2,4-oxadiazol-5-yl]phenol 'C14 H17 N3 O2'
GOL non-polymer GLYCEROL 'C3 H8 O3'
#
# COMPACT_ATOMS: atom_id res chain seq x y z
N LYS A 1 8.65 7.12 24.94
CA LYS A 1 8.14 5.78 24.66
C LYS A 1 7.40 5.25 25.88
N HIS A 2 6.23 5.85 26.16
CA HIS A 2 5.54 5.60 27.43
C HIS A 2 5.12 4.15 27.60
N THR A 3 4.89 3.43 26.50
CA THR A 3 4.41 2.06 26.61
C THR A 3 5.50 1.08 26.99
N GLY A 4 6.74 1.37 26.64
CA GLY A 4 7.81 0.41 26.77
C GLY A 4 7.96 -0.53 25.60
N TYR A 5 7.04 -0.48 24.65
CA TYR A 5 7.11 -1.28 23.43
C TYR A 5 7.38 -0.36 22.24
N VAL A 6 8.14 -0.87 21.27
CA VAL A 6 8.55 -0.10 20.10
C VAL A 6 7.76 -0.60 18.89
N GLY A 7 7.56 0.30 17.92
CA GLY A 7 6.76 0.01 16.74
C GLY A 7 7.57 -0.53 15.58
N LEU A 8 6.91 -0.65 14.44
CA LEU A 8 7.50 -1.17 13.23
C LEU A 8 7.34 -0.15 12.10
N LYS A 9 8.29 -0.17 11.17
CA LYS A 9 8.27 0.76 10.05
C LYS A 9 7.27 0.31 8.99
N ASN A 10 6.71 1.28 8.28
CA ASN A 10 5.80 1.05 7.16
C ASN A 10 6.61 1.20 5.88
N GLN A 11 6.77 0.10 5.14
CA GLN A 11 7.68 0.05 3.99
C GLN A 11 7.04 -0.69 2.83
N GLY A 12 5.87 -0.25 2.41
CA GLY A 12 5.17 -0.83 1.29
C GLY A 12 3.88 -1.51 1.73
N ALA A 13 3.22 -2.12 0.74
CA ALA A 13 1.99 -2.86 1.01
C ALA A 13 2.30 -4.11 1.83
N THR A 14 3.13 -3.99 2.83
CA THR A 14 3.39 -5.15 3.63
C THR A 14 2.15 -5.56 4.35
N CYS A 15 1.26 -4.63 4.57
CA CYS A 15 -0.02 -4.87 5.18
C CYS A 15 0.01 -5.42 6.54
N TYR A 16 -0.59 -6.55 6.72
CA TYR A 16 -0.68 -7.17 8.01
C TYR A 16 0.60 -7.62 8.62
N MET A 17 1.64 -7.66 7.84
CA MET A 17 2.93 -8.22 8.25
C MET A 17 3.41 -7.66 9.59
N ASN A 18 3.27 -6.35 9.78
CA ASN A 18 3.65 -5.73 11.04
C ASN A 18 2.74 -6.20 12.18
N SER A 19 1.45 -6.39 11.90
CA SER A 19 0.56 -6.94 12.92
C SER A 19 0.96 -8.35 13.30
N LEU A 20 1.34 -9.16 12.31
CA LEU A 20 1.75 -10.53 12.59
C LEU A 20 3.08 -10.56 13.33
N LEU A 21 4.00 -9.67 12.96
CA LEU A 21 5.30 -9.62 13.62
C LEU A 21 5.15 -9.32 15.11
N GLN A 22 4.36 -8.29 15.44
CA GLN A 22 4.13 -7.98 16.84
C GLN A 22 3.39 -9.10 17.55
N THR A 23 2.42 -9.72 16.88
CA THR A 23 1.69 -10.84 17.47
C THR A 23 2.63 -11.98 17.84
N LEU A 24 3.60 -12.28 16.98
CA LEU A 24 4.55 -13.35 17.25
C LEU A 24 5.61 -12.93 18.25
N PHE A 25 6.07 -11.69 18.17
CA PHE A 25 7.06 -11.20 19.11
C PHE A 25 6.58 -11.33 20.55
N PHE A 26 5.30 -11.07 20.79
CA PHE A 26 4.72 -11.15 22.12
C PHE A 26 4.17 -12.54 22.45
N THR A 27 4.44 -13.54 21.60
CA THR A 27 4.35 -14.94 22.02
C THR A 27 5.72 -15.29 22.61
N ASN A 28 5.91 -14.86 23.86
CA ASN A 28 7.24 -14.86 24.48
C ASN A 28 7.92 -16.22 24.39
N GLN A 29 7.17 -17.30 24.62
CA GLN A 29 7.76 -18.62 24.52
C GLN A 29 8.29 -18.89 23.11
N LEU A 30 7.64 -18.30 22.09
CA LEU A 30 8.15 -18.42 20.72
C LEU A 30 9.35 -17.52 20.48
N ARG A 31 9.31 -16.29 21.02
CA ARG A 31 10.42 -15.36 20.84
C ARG A 31 11.71 -15.94 21.41
N LYS A 32 11.66 -16.47 22.64
CA LYS A 32 12.84 -17.08 23.24
C LYS A 32 13.35 -18.25 22.40
N ALA A 33 12.43 -19.03 21.83
CA ALA A 33 12.85 -20.16 21.00
C ALA A 33 13.48 -19.69 19.70
N VAL A 34 12.95 -18.60 19.12
CA VAL A 34 13.53 -18.05 17.89
C VAL A 34 14.96 -17.59 18.13
N TYR A 35 15.21 -16.95 19.28
CA TYR A 35 16.58 -16.53 19.60
C TYR A 35 17.54 -17.70 19.63
N MET A 36 17.09 -18.86 20.15
CA MET A 36 17.94 -20.01 20.35
C MET A 36 18.28 -20.78 19.07
N MET A 37 17.73 -20.38 17.93
CA MET A 37 17.95 -21.15 16.71
C MET A 37 19.41 -21.07 16.28
N PRO A 38 20.04 -22.19 15.95
CA PRO A 38 21.46 -22.16 15.56
C PRO A 38 21.64 -21.50 14.20
N THR A 39 21.88 -20.19 14.20
CA THR A 39 21.83 -19.37 13.01
C THR A 39 23.17 -18.78 12.62
N GLU A 40 24.24 -19.09 13.36
CA GLU A 40 25.53 -18.43 13.14
C GLU A 40 26.07 -18.69 11.74
N GLY A 41 25.77 -19.85 11.16
CA GLY A 41 26.25 -20.16 9.82
C GLY A 41 25.36 -19.71 8.69
N ASP A 42 24.23 -19.06 9.00
CA ASP A 42 23.29 -18.65 7.96
C ASP A 42 23.82 -17.45 7.18
N ASP A 43 23.28 -17.27 5.99
CA ASP A 43 23.58 -16.13 5.15
C ASP A 43 22.56 -15.03 5.45
N SER A 44 23.05 -13.87 5.88
CA SER A 44 22.20 -12.77 6.39
C SER A 44 21.27 -12.18 5.33
N SER A 45 21.14 -12.77 4.16
CA SER A 45 20.24 -12.28 3.12
C SER A 45 19.20 -13.30 2.71
N LYS A 46 19.55 -14.59 2.69
CA LYS A 46 18.60 -15.63 2.30
C LYS A 46 17.89 -16.27 3.49
N SER A 47 18.51 -16.25 4.66
CA SER A 47 17.97 -16.96 5.82
C SER A 47 16.77 -16.21 6.39
N VAL A 48 15.64 -16.91 6.48
CA VAL A 48 14.43 -16.36 7.09
C VAL A 48 14.49 -16.47 8.61
N PRO A 49 14.99 -17.57 9.19
CA PRO A 49 15.16 -17.58 10.66
C PRO A 49 16.01 -16.44 11.19
N LEU A 50 17.13 -16.13 10.55
CA LEU A 50 17.98 -15.05 11.02
C LEU A 50 17.27 -13.70 10.90
N ALA A 51 16.56 -13.48 9.79
CA ALA A 51 15.83 -12.23 9.61
C ALA A 51 14.75 -12.07 10.67
N LEU A 52 14.12 -13.17 11.09
CA LEU A 52 13.12 -13.10 12.15
C LEU A 52 13.76 -12.80 13.50
N GLN A 53 14.95 -13.36 13.75
CA GLN A 53 15.69 -13.02 14.96
C GLN A 53 16.07 -11.54 14.99
N ARG A 54 16.44 -11.00 13.82
CA ARG A 54 16.81 -9.58 13.76
C ARG A 54 15.64 -8.69 14.15
N VAL A 55 14.45 -8.96 13.60
CA VAL A 55 13.29 -8.16 13.92
C VAL A 55 12.95 -8.26 15.40
N PHE A 56 13.01 -9.47 15.96
CA PHE A 56 12.65 -9.66 17.37
C PHE A 56 13.65 -8.97 18.29
N TYR A 57 14.94 -9.05 17.96
CA TYR A 57 15.97 -8.37 18.75
C TYR A 57 15.79 -6.86 18.68
N GLU A 58 15.54 -6.33 17.48
CA GLU A 58 15.31 -4.89 17.34
C GLU A 58 14.03 -4.47 18.07
N LEU A 59 13.00 -5.32 18.04
CA LEU A 59 11.78 -5.00 18.76
C LEU A 59 11.99 -4.99 20.26
N GLN A 60 12.96 -5.76 20.75
CA GLN A 60 13.20 -5.88 22.18
C GLN A 60 14.16 -4.82 22.72
N HIS A 61 15.02 -4.26 21.89
CA HIS A 61 16.05 -3.34 22.35
C HIS A 61 15.96 -1.94 21.76
N SER A 62 15.49 -1.78 20.53
CA SER A 62 15.54 -0.48 19.87
C SER A 62 14.51 0.48 20.44
N ASP A 63 14.89 1.74 20.56
CA ASP A 63 13.95 2.82 20.88
C ASP A 63 13.26 3.37 19.65
N LYS A 64 13.81 3.14 18.47
CA LYS A 64 13.33 3.67 17.21
C LYS A 64 12.58 2.59 16.42
N PRO A 65 11.63 3.00 15.58
CA PRO A 65 10.86 2.02 14.80
C PRO A 65 11.76 1.06 14.04
N VAL A 66 11.31 -0.20 13.96
CA VAL A 66 12.12 -1.31 13.45
C VAL A 66 11.81 -1.52 11.98
N GLY A 67 12.85 -1.67 11.17
CA GLY A 67 12.68 -1.97 9.76
C GLY A 67 12.54 -3.46 9.49
N THR A 68 11.88 -3.77 8.37
CA THR A 68 11.61 -5.16 7.99
C THR A 68 12.02 -5.46 6.54
N LYS A 69 12.87 -4.63 5.96
CA LYS A 69 13.27 -4.81 4.57
C LYS A 69 14.03 -6.13 4.36
N LYS A 70 14.90 -6.50 5.31
CA LYS A 70 15.63 -7.75 5.19
C LYS A 70 14.71 -8.95 5.38
N LEU A 71 13.66 -8.81 6.21
CA LEU A 71 12.69 -9.89 6.37
C LEU A 71 11.93 -10.14 5.07
N THR A 72 11.35 -9.07 4.50
CA THR A 72 10.58 -9.21 3.27
C THR A 72 11.42 -9.82 2.14
N LYS A 73 12.72 -9.53 2.12
CA LYS A 73 13.60 -10.12 1.11
C LYS A 73 13.87 -11.59 1.38
N SER A 74 13.90 -11.99 2.65
CA SER A 74 14.37 -13.33 2.99
C SER A 74 13.44 -14.41 2.44
N PHE A 75 12.13 -14.20 2.50
CA PHE A 75 11.19 -15.17 1.94
C PHE A 75 10.62 -14.76 0.60
N GLY A 76 11.02 -13.61 0.07
CA GLY A 76 10.84 -13.33 -1.35
C GLY A 76 9.48 -12.82 -1.79
N TRP A 77 8.74 -12.16 -0.91
CA TRP A 77 7.49 -11.51 -1.31
C TRP A 77 7.82 -10.08 -1.69
N GLU A 78 8.20 -9.87 -2.95
CA GLU A 78 8.74 -8.59 -3.37
C GLU A 78 8.03 -7.97 -4.57
N THR A 79 6.98 -8.59 -5.10
CA THR A 79 6.28 -7.99 -6.23
C THR A 79 5.27 -6.96 -5.75
N LEU A 80 4.70 -6.22 -6.71
CA LEU A 80 3.82 -5.11 -6.37
C LEU A 80 2.63 -5.56 -5.51
N ASP A 81 2.08 -6.73 -5.80
CA ASP A 81 0.88 -7.22 -5.14
C ASP A 81 1.12 -8.52 -4.37
N SER A 82 2.36 -8.76 -3.95
CA SER A 82 2.70 -10.04 -3.35
C SER A 82 1.94 -10.26 -2.04
N PHE A 83 1.72 -9.22 -1.26
CA PHE A 83 0.95 -9.35 -0.04
C PHE A 83 -0.56 -9.26 -0.28
N MET A 84 -0.97 -8.63 -1.38
CA MET A 84 -2.39 -8.61 -1.71
C MET A 84 -2.90 -9.99 -2.15
N GLN A 85 -2.02 -10.80 -2.73
CA GLN A 85 -2.42 -12.10 -3.24
C GLN A 85 -2.51 -13.16 -2.15
N HIS A 86 -1.83 -12.97 -1.03
CA HIS A 86 -1.88 -13.90 0.09
C HIS A 86 -2.69 -13.28 1.23
N ASP A 87 -2.91 -14.09 2.27
CA ASP A 87 -3.55 -13.63 3.49
C ASP A 87 -2.61 -13.88 4.68
N VAL A 88 -3.05 -13.46 5.87
CA VAL A 88 -2.18 -13.43 7.03
C VAL A 88 -1.78 -14.84 7.45
N GLN A 89 -2.66 -15.83 7.29
CA GLN A 89 -2.34 -17.18 7.74
C GLN A 89 -1.28 -17.83 6.85
N GLU A 90 -1.22 -17.46 5.57
CA GLU A 90 -0.15 -17.95 4.71
C GLU A 90 1.20 -17.37 5.15
N LEU A 91 1.23 -16.06 5.40
CA LEU A 91 2.46 -15.43 5.90
C LEU A 91 2.89 -16.07 7.20
N CYS A 92 1.96 -16.26 8.13
CA CYS A 92 2.28 -16.93 9.39
C CYS A 92 2.74 -18.36 9.15
N ARG A 93 2.16 -19.02 8.14
CA ARG A 93 2.59 -20.38 7.81
C ARG A 93 4.02 -20.38 7.24
N VAL A 94 4.33 -19.42 6.37
CA VAL A 94 5.68 -19.33 5.81
C VAL A 94 6.70 -19.13 6.92
N LEU A 95 6.41 -18.22 7.86
CA LEU A 95 7.35 -17.92 8.92
C LEU A 95 7.54 -19.11 9.87
N LEU A 96 6.42 -19.62 10.43
CA LEU A 96 6.51 -20.67 11.43
C LEU A 96 7.06 -21.97 10.85
N ASP A 97 6.82 -22.23 9.55
CA ASP A 97 7.40 -23.40 8.91
C ASP A 97 8.91 -23.32 8.89
N ASN A 98 9.46 -22.12 8.72
CA ASN A 98 10.90 -21.96 8.64
C ASN A 98 11.58 -22.13 9.99
N VAL A 99 11.01 -21.55 11.05
CA VAL A 99 11.68 -21.61 12.36
C VAL A 99 11.55 -22.99 12.98
N GLU A 100 10.44 -23.68 12.75
CA GLU A 100 10.31 -25.04 13.29
C GLU A 100 11.30 -25.98 12.63
N ASN A 101 11.52 -25.81 11.33
CA ASN A 101 12.57 -26.58 10.65
CA ASN A 101 12.56 -26.59 10.66
C ASN A 101 13.93 -26.21 11.19
N LYS A 102 14.15 -24.93 11.47
CA LYS A 102 15.43 -24.48 12.01
C LYS A 102 15.68 -25.01 13.42
N MET A 103 14.64 -25.43 14.13
CA MET A 103 14.77 -25.94 15.48
C MET A 103 14.94 -27.46 15.52
N LYS A 104 15.04 -28.11 14.37
CA LYS A 104 15.29 -29.55 14.37
C LYS A 104 16.67 -29.84 14.95
N GLY A 105 16.75 -30.88 15.78
CA GLY A 105 18.00 -31.25 16.40
C GLY A 105 18.49 -30.35 17.50
N THR A 106 17.69 -29.37 17.91
CA THR A 106 18.09 -28.36 18.88
C THR A 106 17.22 -28.47 20.14
N CYS A 107 17.62 -27.75 21.19
CA CYS A 107 16.94 -27.88 22.48
C CYS A 107 15.53 -27.31 22.49
N VAL A 108 15.12 -26.58 21.46
CA VAL A 108 13.76 -26.04 21.42
C VAL A 108 12.99 -26.69 20.26
N GLU A 109 13.38 -27.90 19.89
CA GLU A 109 12.68 -28.63 18.85
C GLU A 109 11.25 -28.93 19.27
N GLY A 110 10.31 -28.74 18.36
CA GLY A 110 8.91 -28.95 18.64
C GLY A 110 8.20 -27.80 19.32
N THR A 111 8.82 -26.62 19.37
CA THR A 111 8.19 -25.48 20.02
C THR A 111 6.97 -25.01 19.24
N ILE A 112 7.05 -25.02 17.90
CA ILE A 112 5.90 -24.61 17.08
C ILE A 112 4.71 -25.52 17.28
N PRO A 113 4.83 -26.85 17.21
CA PRO A 113 3.65 -27.68 17.51
C PRO A 113 3.22 -27.62 18.96
N LYS A 114 4.14 -27.47 19.91
CA LYS A 114 3.74 -27.38 21.31
C LYS A 114 2.84 -26.17 21.54
N LEU A 115 3.14 -25.05 20.88
CA LEU A 115 2.35 -23.84 21.08
C LEU A 115 1.06 -23.84 20.26
N PHE A 116 1.11 -24.34 19.02
CA PHE A 116 0.05 -24.08 18.06
C PHE A 116 -0.74 -25.31 17.62
N ARG A 117 -0.27 -26.52 17.89
CA ARG A 117 -0.88 -27.71 17.30
C ARG A 117 -2.07 -28.17 18.13
N GLY A 118 -3.18 -28.44 17.45
CA GLY A 118 -4.32 -29.06 18.07
C GLY A 118 -4.67 -30.38 17.40
N LYS A 119 -5.45 -31.21 18.07
CA LYS A 119 -5.87 -32.50 17.55
C LYS A 119 -7.35 -32.46 17.17
N MET A 120 -7.69 -33.05 16.03
CA MET A 120 -9.02 -32.92 15.47
C MET A 120 -9.40 -34.21 14.74
N VAL A 121 -10.69 -34.54 14.77
CA VAL A 121 -11.22 -35.74 14.13
C VAL A 121 -12.27 -35.33 13.11
N SER A 122 -12.05 -35.72 11.86
CA SER A 122 -13.04 -35.60 10.81
C SER A 122 -13.64 -36.97 10.54
N TYR A 123 -14.95 -37.01 10.26
CA TYR A 123 -15.64 -38.28 10.13
C TYR A 123 -16.67 -38.23 9.01
N ILE A 124 -16.96 -39.40 8.46
CA ILE A 124 -18.09 -39.62 7.56
C ILE A 124 -18.82 -40.86 8.04
N GLN A 125 -20.06 -40.69 8.48
CA GLN A 125 -20.86 -41.79 9.02
C GLN A 125 -22.04 -42.06 8.09
N CYS A 126 -22.12 -43.29 7.59
CA CYS A 126 -23.24 -43.67 6.73
C CYS A 126 -24.52 -43.81 7.55
N LYS A 127 -25.63 -43.38 6.95
CA LYS A 127 -26.91 -43.35 7.66
C LYS A 127 -27.71 -44.63 7.53
N GLU A 128 -27.60 -45.34 6.40
CA GLU A 128 -28.36 -46.56 6.18
C GLU A 128 -27.56 -47.84 6.41
N VAL A 129 -26.23 -47.76 6.39
CA VAL A 129 -25.37 -48.93 6.47
C VAL A 129 -24.27 -48.66 7.49
N ASP A 130 -23.75 -49.73 8.11
CA ASP A 130 -22.75 -49.63 9.16
C ASP A 130 -21.37 -49.46 8.52
N TYR A 131 -20.99 -48.20 8.30
CA TYR A 131 -19.63 -47.88 7.87
C TYR A 131 -19.29 -46.47 8.30
N ARG A 132 -18.06 -46.27 8.77
CA ARG A 132 -17.60 -44.98 9.24
C ARG A 132 -16.11 -44.87 8.94
N SER A 133 -15.67 -43.65 8.64
CA SER A 133 -14.26 -43.34 8.43
C SER A 133 -13.89 -42.13 9.27
N ASP A 134 -12.95 -42.32 10.19
CA ASP A 134 -12.41 -41.23 10.99
C ASP A 134 -10.95 -41.01 10.57
N ARG A 135 -10.62 -39.75 10.28
CA ARG A 135 -9.22 -39.37 10.08
C ARG A 135 -8.88 -38.31 11.12
N ARG A 136 -7.86 -38.61 11.93
CA ARG A 136 -7.35 -37.65 12.90
C ARG A 136 -6.40 -36.70 12.18
N GLU A 137 -6.62 -35.40 12.35
CA GLU A 137 -5.79 -34.39 11.70
C GLU A 137 -5.25 -33.42 12.72
N ASP A 138 -4.06 -32.91 12.44
CA ASP A 138 -3.52 -31.78 13.20
C ASP A 138 -4.00 -30.48 12.59
N TYR A 139 -4.14 -29.46 13.44
CA TYR A 139 -4.44 -28.11 12.97
C TYR A 139 -3.60 -27.12 13.74
N TYR A 140 -3.26 -26.02 13.08
CA TYR A 140 -2.45 -24.97 13.67
C TYR A 140 -3.19 -23.64 13.73
N ASP A 141 -4.44 -23.60 13.28
CA ASP A 141 -5.32 -22.44 13.34
C ASP A 141 -6.68 -22.92 12.88
N ILE A 142 -7.68 -22.04 13.05
CA ILE A 142 -9.06 -22.37 12.73
C ILE A 142 -9.66 -21.23 11.92
N GLN A 143 -10.11 -21.54 10.70
CA GLN A 143 -10.84 -20.57 9.88
C GLN A 143 -12.31 -20.59 10.30
N LEU A 144 -12.78 -19.48 10.86
CA LEU A 144 -14.15 -19.38 11.35
C LEU A 144 -15.00 -18.60 10.36
N SER A 145 -16.17 -19.14 10.03
CA SER A 145 -17.13 -18.43 9.18
C SER A 145 -17.91 -17.41 10.01
N ILE A 146 -18.10 -16.21 9.46
CA ILE A 146 -18.70 -15.13 10.24
C ILE A 146 -19.98 -14.66 9.58
N LYS A 147 -20.10 -14.86 8.26
CA LYS A 147 -21.29 -14.41 7.55
C LYS A 147 -22.52 -15.17 8.07
N GLY A 148 -23.46 -14.44 8.67
CA GLY A 148 -24.63 -15.02 9.26
C GLY A 148 -24.49 -15.40 10.72
N LYS A 149 -23.28 -15.32 11.28
CA LYS A 149 -23.04 -15.59 12.69
C LYS A 149 -22.84 -14.28 13.45
N LYS A 150 -23.29 -14.24 14.70
CA LYS A 150 -23.18 -13.05 15.52
C LYS A 150 -21.96 -13.04 16.44
N ASN A 151 -21.41 -14.21 16.80
CA ASN A 151 -20.29 -14.25 17.72
C ASN A 151 -19.44 -15.49 17.46
N ILE A 152 -18.36 -15.61 18.24
CA ILE A 152 -17.46 -16.76 18.14
C ILE A 152 -18.19 -18.06 18.47
N PHE A 153 -19.14 -18.01 19.39
CA PHE A 153 -19.87 -19.22 19.77
C PHE A 153 -20.64 -19.81 18.59
N GLU A 154 -21.41 -18.97 17.88
CA GLU A 154 -22.14 -19.45 16.72
C GLU A 154 -21.22 -19.88 15.60
N SER A 155 -20.00 -19.32 15.55
CA SER A 155 -19.03 -19.75 14.54
C SER A 155 -18.45 -21.12 14.86
N PHE A 156 -18.29 -21.45 16.14
CA PHE A 156 -17.86 -22.79 16.52
C PHE A 156 -19.00 -23.80 16.37
N VAL A 157 -20.22 -23.40 16.74
CA VAL A 157 -21.38 -24.26 16.53
C VAL A 157 -21.51 -24.61 15.05
N ASP A 158 -21.23 -23.65 14.17
CA ASP A 158 -21.28 -23.91 12.75
C ASP A 158 -20.09 -24.73 12.28
N TYR A 159 -18.96 -24.64 13.00
CA TYR A 159 -17.77 -25.36 12.60
C TYR A 159 -17.92 -26.86 12.79
N VAL A 160 -18.55 -27.27 13.89
CA VAL A 160 -18.65 -28.68 14.26
C VAL A 160 -20.00 -29.21 13.80
N ALA A 161 -20.72 -28.45 12.99
CA ALA A 161 -22.04 -28.87 12.56
C ALA A 161 -21.94 -30.03 11.57
N VAL A 162 -22.99 -30.83 11.52
CA VAL A 162 -23.03 -32.02 10.68
C VAL A 162 -23.49 -31.64 9.29
N GLU A 163 -22.84 -32.20 8.28
CA GLU A 163 -23.17 -31.97 6.88
C GLU A 163 -23.79 -33.24 6.30
N GLN A 164 -24.93 -33.08 5.61
CA GLN A 164 -25.63 -34.20 5.01
C GLN A 164 -25.06 -34.49 3.62
N LEU A 165 -24.93 -35.77 3.31
CA LEU A 165 -24.41 -36.23 2.01
C LEU A 165 -25.49 -37.07 1.35
N ASP A 166 -26.31 -36.44 0.51
CA ASP A 166 -27.37 -37.14 -0.20
C ASP A 166 -27.53 -36.50 -1.58
N GLY A 167 -28.57 -36.91 -2.29
CA GLY A 167 -28.80 -36.40 -3.64
C GLY A 167 -27.63 -36.70 -4.53
N ASP A 168 -27.15 -35.68 -5.23
CA ASP A 168 -25.96 -35.84 -6.05
C ASP A 168 -24.71 -36.05 -5.20
N ASN A 169 -24.65 -35.45 -4.02
CA ASN A 169 -23.49 -35.56 -3.14
C ASN A 169 -23.57 -36.76 -2.21
N LYS A 170 -24.04 -37.90 -2.71
CA LYS A 170 -24.00 -39.13 -1.92
C LYS A 170 -22.55 -39.58 -1.72
N TYR A 171 -22.31 -40.29 -0.63
CA TYR A 171 -20.98 -40.72 -0.26
C TYR A 171 -20.63 -42.04 -0.94
N ASP A 172 -19.38 -42.14 -1.40
CA ASP A 172 -18.88 -43.37 -2.02
C ASP A 172 -18.40 -44.29 -0.91
N ALA A 173 -19.28 -45.20 -0.48
CA ALA A 173 -18.94 -46.17 0.55
C ALA A 173 -18.21 -47.39 -0.01
N GLY A 174 -17.73 -47.33 -1.24
CA GLY A 174 -16.95 -48.41 -1.82
C GLY A 174 -17.71 -49.70 -2.02
N GLU A 175 -17.55 -50.64 -1.08
CA GLU A 175 -18.26 -51.91 -1.17
C GLU A 175 -19.76 -51.72 -1.02
N HIS A 176 -20.19 -50.77 -0.19
CA HIS A 176 -21.60 -50.51 0.02
C HIS A 176 -22.22 -49.64 -1.08
N GLY A 177 -21.43 -49.24 -2.07
CA GLY A 177 -21.95 -48.35 -3.10
C GLY A 177 -22.21 -46.95 -2.57
N LEU A 178 -22.99 -46.19 -3.33
CA LEU A 178 -23.35 -44.85 -2.91
C LEU A 178 -24.27 -44.91 -1.70
N GLN A 179 -24.00 -44.05 -0.72
CA GLN A 179 -24.72 -44.08 0.54
C GLN A 179 -24.98 -42.66 1.03
N GLU A 180 -26.18 -42.44 1.59
CA GLU A 180 -26.44 -41.22 2.32
C GLU A 180 -25.66 -41.24 3.63
N ALA A 181 -24.93 -40.16 3.92
CA ALA A 181 -24.03 -40.15 5.05
C ALA A 181 -24.01 -38.77 5.69
N GLU A 182 -23.44 -38.71 6.90
CA GLU A 182 -23.23 -37.47 7.63
C GLU A 182 -21.73 -37.20 7.72
N LYS A 183 -21.35 -35.93 7.51
CA LYS A 183 -19.97 -35.51 7.52
C LYS A 183 -19.82 -34.36 8.50
N GLY A 184 -18.78 -34.43 9.33
CA GLY A 184 -18.55 -33.38 10.30
C GLY A 184 -17.12 -33.37 10.79
N VAL A 185 -16.91 -32.63 11.88
CA VAL A 185 -15.58 -32.48 12.48
C VAL A 185 -15.75 -32.33 13.99
N LYS A 186 -14.94 -33.05 14.75
CA LYS A 186 -14.93 -32.96 16.20
C LYS A 186 -13.55 -32.51 16.66
N PHE A 187 -13.52 -31.74 17.74
CA PHE A 187 -12.28 -31.27 18.33
C PHE A 187 -11.79 -32.25 19.40
N LEU A 188 -10.53 -32.67 19.29
CA LEU A 188 -9.91 -33.51 20.30
C LEU A 188 -9.14 -32.70 21.34
N THR A 189 -8.25 -31.82 20.89
CA THR A 189 -7.52 -30.92 21.78
C THR A 189 -7.52 -29.52 21.20
N LEU A 190 -7.35 -28.53 22.07
CA LEU A 190 -7.15 -27.16 21.66
C LEU A 190 -5.78 -26.69 22.10
N PRO A 191 -5.06 -25.95 21.26
CA PRO A 191 -3.65 -25.66 21.52
C PRO A 191 -3.48 -24.60 22.59
N PRO A 192 -2.27 -24.44 23.14
CA PRO A 192 -2.05 -23.33 24.08
C PRO A 192 -2.26 -21.96 23.47
N VAL A 193 -1.85 -21.76 22.21
CA VAL A 193 -2.04 -20.51 21.50
C VAL A 193 -3.03 -20.74 20.37
N LEU A 194 -4.18 -20.07 20.45
CA LEU A 194 -5.27 -20.28 19.51
C LEU A 194 -5.28 -19.14 18.49
N HIS A 195 -5.03 -19.47 17.24
CA HIS A 195 -5.12 -18.52 16.13
C HIS A 195 -6.43 -18.75 15.39
N LEU A 196 -7.33 -17.78 15.49
CA LEU A 196 -8.64 -17.84 14.84
C LEU A 196 -8.68 -16.81 13.71
N GLN A 197 -8.70 -17.28 12.48
CA GLN A 197 -8.91 -16.42 11.32
C GLN A 197 -10.40 -16.22 11.10
N LEU A 198 -10.87 -14.97 11.19
CA LEU A 198 -12.25 -14.64 10.89
C LEU A 198 -12.38 -14.40 9.39
N MET A 199 -13.25 -15.18 8.74
CA MET A 199 -13.38 -15.15 7.29
C MET A 199 -14.18 -13.91 6.86
N ARG A 200 -13.52 -12.76 6.91
CA ARG A 200 -14.12 -11.54 6.39
C ARG A 200 -13.74 -11.27 4.94
N PHE A 201 -12.64 -11.82 4.45
CA PHE A 201 -12.16 -11.61 3.10
C PHE A 201 -12.37 -12.87 2.27
N MET A 202 -13.19 -12.77 1.24
CA MET A 202 -13.50 -13.89 0.36
C MET A 202 -13.62 -13.38 -1.08
N TYR A 203 -13.75 -14.31 -2.02
CA TYR A 203 -13.96 -13.99 -3.43
C TYR A 203 -15.35 -14.39 -3.85
N ASP A 204 -15.99 -13.53 -4.64
CA ASP A 204 -17.41 -13.69 -4.99
C ASP A 204 -17.56 -14.14 -6.44
N PRO A 205 -18.05 -15.36 -6.70
CA PRO A 205 -18.24 -15.79 -8.09
C PRO A 205 -19.32 -15.02 -8.79
N GLN A 206 -19.17 -14.87 -10.11
CA GLN A 206 -17.98 -15.26 -10.85
C GLN A 206 -17.09 -14.03 -10.98
N THR A 207 -15.86 -14.14 -10.49
CA THR A 207 -15.21 -13.05 -9.77
C THR A 207 -14.21 -12.26 -10.61
N ASP A 208 -13.79 -11.14 -10.02
CA ASP A 208 -12.60 -10.38 -10.39
C ASP A 208 -11.90 -9.93 -9.12
N GLN A 209 -12.62 -9.26 -8.22
CA GLN A 209 -12.07 -8.68 -7.02
C GLN A 209 -12.59 -9.38 -5.77
N ASN A 210 -11.75 -9.43 -4.73
CA ASN A 210 -12.13 -10.04 -3.46
C ASN A 210 -12.95 -9.06 -2.62
N ILE A 211 -13.94 -9.60 -1.91
CA ILE A 211 -14.86 -8.79 -1.12
C ILE A 211 -14.59 -9.00 0.36
N LYS A 212 -14.81 -7.94 1.13
CA LYS A 212 -14.65 -7.98 2.58
C LYS A 212 -16.00 -7.77 3.26
N ILE A 213 -16.36 -8.67 4.16
CA ILE A 213 -17.61 -8.58 4.90
C ILE A 213 -17.38 -7.76 6.16
N ASN A 214 -18.13 -6.66 6.30
CA ASN A 214 -18.01 -5.78 7.46
C ASN A 214 -19.17 -5.95 8.44
N ASP A 215 -19.84 -7.09 8.42
CA ASP A 215 -20.92 -7.33 9.36
C ASP A 215 -20.40 -7.33 10.79
N ARG A 216 -21.28 -7.01 11.73
CA ARG A 216 -20.92 -7.06 13.14
C ARG A 216 -20.63 -8.50 13.56
N PHE A 217 -19.51 -8.70 14.26
CA PHE A 217 -19.12 -10.02 14.71
C PHE A 217 -18.40 -9.88 16.04
N GLU A 218 -18.95 -10.49 17.09
CA GLU A 218 -18.49 -10.29 18.45
C GLU A 218 -17.61 -11.44 18.91
N PHE A 219 -16.61 -11.10 19.74
CA PHE A 219 -15.72 -12.06 20.36
C PHE A 219 -15.52 -11.65 21.80
N PRO A 220 -15.45 -12.61 22.72
CA PRO A 220 -15.31 -12.26 24.14
C PRO A 220 -13.86 -12.17 24.57
N GLU A 221 -13.66 -11.46 25.68
CA GLU A 221 -12.35 -11.41 26.32
C GLU A 221 -11.95 -12.78 26.85
N GLN A 222 -12.90 -13.51 27.42
CA GLN A 222 -12.69 -14.88 27.89
C GLN A 222 -13.57 -15.82 27.07
N LEU A 223 -12.99 -16.90 26.57
CA LEU A 223 -13.66 -17.79 25.63
C LEU A 223 -13.65 -19.22 26.15
N PRO A 224 -14.77 -19.70 26.68
CA PRO A 224 -14.83 -21.11 27.14
C PRO A 224 -15.16 -22.05 25.98
N LEU A 225 -14.33 -23.07 25.79
CA LEU A 225 -14.47 -23.96 24.64
C LEU A 225 -14.59 -25.43 25.05
N ASP A 226 -14.89 -25.71 26.32
CA ASP A 226 -15.10 -27.11 26.74
C ASP A 226 -16.25 -27.74 25.97
N GLU A 227 -17.30 -26.96 25.67
CA GLU A 227 -18.45 -27.49 24.95
C GLU A 227 -18.06 -28.22 23.68
N PHE A 228 -17.08 -27.68 22.96
CA PHE A 228 -16.72 -28.17 21.64
C PHE A 228 -15.66 -29.26 21.69
N LEU A 229 -15.38 -29.81 22.87
CA LEU A 229 -14.46 -30.92 23.02
C LEU A 229 -15.23 -32.23 23.11
N GLN A 230 -14.71 -33.27 22.46
CA GLN A 230 -15.31 -34.59 22.58
C GLN A 230 -15.25 -35.09 24.02
N LYS A 231 -14.21 -34.70 24.75
CA LYS A 231 -14.03 -35.09 26.14
C LYS A 231 -13.21 -34.01 26.84
N THR A 232 -13.67 -33.58 28.00
CA THR A 232 -13.04 -32.47 28.71
C THR A 232 -12.21 -32.95 29.89
N ASP A 233 -11.35 -32.07 30.39
CA ASP A 233 -10.44 -32.36 31.49
C ASP A 233 -10.83 -31.54 32.70
N PRO A 234 -11.18 -32.17 33.83
CA PRO A 234 -11.54 -31.40 35.03
C PRO A 234 -10.41 -30.52 35.54
N LYS A 235 -9.14 -30.94 35.36
CA LYS A 235 -8.01 -30.18 35.86
C LYS A 235 -7.46 -29.20 34.84
N ASP A 236 -7.97 -29.20 33.60
CA ASP A 236 -7.50 -28.27 32.56
C ASP A 236 -8.67 -27.94 31.64
N PRO A 237 -9.53 -27.01 32.05
CA PRO A 237 -10.61 -26.58 31.17
C PRO A 237 -10.09 -25.79 29.98
N ALA A 238 -10.87 -25.80 28.91
CA ALA A 238 -10.52 -25.06 27.69
C ALA A 238 -10.99 -23.62 27.78
N ASN A 239 -10.48 -22.92 28.80
CA ASN A 239 -10.74 -21.50 28.98
C ASN A 239 -9.62 -20.69 28.32
N TYR A 240 -10.00 -19.75 27.47
CA TYR A 240 -9.03 -19.01 26.68
C TYR A 240 -9.14 -17.51 26.93
N ILE A 241 -7.98 -16.85 26.87
CA ILE A 241 -7.84 -15.44 27.21
C ILE A 241 -7.42 -14.68 25.96
N LEU A 242 -8.20 -13.65 25.61
CA LEU A 242 -7.91 -12.86 24.42
C LEU A 242 -6.58 -12.14 24.56
N HIS A 243 -5.70 -12.34 23.60
CA HIS A 243 -4.35 -11.77 23.62
C HIS A 243 -4.11 -10.73 22.52
N ALA A 244 -4.57 -10.99 21.29
CA ALA A 244 -4.31 -10.09 20.18
C ALA A 244 -5.56 -9.97 19.31
N VAL A 245 -5.76 -8.78 18.76
CA VAL A 245 -6.88 -8.49 17.86
C VAL A 245 -6.30 -7.78 16.65
N LEU A 246 -6.09 -8.53 15.57
CA LEU A 246 -5.59 -7.94 14.32
C LEU A 246 -6.75 -7.30 13.57
N VAL A 247 -6.63 -6.02 13.26
CA VAL A 247 -7.74 -5.19 12.81
C VAL A 247 -7.43 -4.60 11.44
N HIS A 248 -8.45 -4.52 10.60
CA HIS A 248 -8.38 -3.84 9.33
C HIS A 248 -9.44 -2.73 9.30
N SER A 249 -9.04 -1.56 8.79
CA SER A 249 -9.94 -0.44 8.54
C SER A 249 -9.91 -0.12 7.05
N GLY A 250 -11.06 -0.16 6.40
CA GLY A 250 -11.13 0.19 4.99
C GLY A 250 -11.99 -0.74 4.17
N ASP A 251 -12.03 -0.49 2.86
CA ASP A 251 -12.93 -1.20 1.96
C ASP A 251 -12.22 -2.44 1.41
N ASN A 252 -12.66 -2.93 0.24
CA ASN A 252 -12.47 -4.34 -0.12
C ASN A 252 -10.99 -4.74 -0.19
N HIS A 253 -10.20 -4.08 -1.03
CA HIS A 253 -8.78 -4.36 -1.14
C HIS A 253 -7.93 -3.37 -0.33
N GLY A 254 -8.31 -2.10 -0.37
CA GLY A 254 -7.55 -1.05 0.30
C GLY A 254 -7.97 -0.85 1.74
N GLY A 255 -6.98 -0.66 2.61
CA GLY A 255 -7.27 -0.37 4.00
C GLY A 255 -6.03 -0.34 4.86
N HIS A 256 -6.23 0.15 6.09
CA HIS A 256 -5.18 0.24 7.09
C HIS A 256 -5.14 -1.03 7.93
N TYR A 257 -3.97 -1.35 8.47
CA TYR A 257 -3.77 -2.55 9.26
C TYR A 257 -3.18 -2.20 10.62
N VAL A 258 -3.82 -2.69 11.68
CA VAL A 258 -3.47 -2.37 13.05
C VAL A 258 -3.68 -3.61 13.90
N VAL A 259 -2.89 -3.76 14.96
CA VAL A 259 -3.04 -4.87 15.89
C VAL A 259 -3.12 -4.34 17.32
N TYR A 260 -4.04 -4.90 18.10
CA TYR A 260 -4.17 -4.60 19.51
C TYR A 260 -3.65 -5.78 20.33
N LEU A 261 -3.00 -5.48 21.45
CA LEU A 261 -2.43 -6.53 22.29
C LEU A 261 -2.43 -6.07 23.74
N ASN A 262 -2.73 -6.99 24.65
CA ASN A 262 -2.33 -6.87 26.05
C ASN A 262 -1.21 -7.86 26.26
N PRO A 263 0.05 -7.48 25.96
CA PRO A 263 1.12 -8.47 25.87
C PRO A 263 1.33 -9.31 27.12
N LYS A 264 1.14 -8.73 28.30
CA LYS A 264 1.28 -9.49 29.54
C LYS A 264 0.07 -10.35 29.86
N GLY A 265 -1.00 -10.26 29.09
CA GLY A 265 -2.19 -11.02 29.42
C GLY A 265 -2.95 -10.48 30.61
N ASP A 266 -2.68 -9.24 31.00
CA ASP A 266 -3.27 -8.63 32.19
C ASP A 266 -4.42 -7.69 31.88
N GLY A 267 -4.97 -7.74 30.66
CA GLY A 267 -6.06 -6.85 30.30
C GLY A 267 -5.67 -5.39 30.15
N LYS A 268 -4.38 -5.08 30.07
CA LYS A 268 -3.91 -3.71 29.83
C LYS A 268 -3.46 -3.64 28.37
N TRP A 269 -4.24 -2.94 27.55
CA TRP A 269 -4.14 -3.04 26.11
C TRP A 269 -3.32 -1.91 25.51
N CYS A 270 -2.70 -2.19 24.36
CA CYS A 270 -1.96 -1.21 23.59
C CYS A 270 -2.35 -1.32 22.13
N LYS A 271 -2.30 -0.17 21.44
CA LYS A 271 -2.57 -0.10 20.01
C LYS A 271 -1.24 -0.02 19.27
N PHE A 272 -0.99 -1.01 18.40
CA PHE A 272 0.25 -1.07 17.62
C PHE A 272 -0.07 -0.67 16.19
N ASP A 273 -0.19 0.64 15.97
CA ASP A 273 -0.41 1.19 14.63
C ASP A 273 0.94 1.54 14.03
N ASP A 274 1.55 0.57 13.35
CA ASP A 274 2.84 0.74 12.67
C ASP A 274 3.87 1.22 13.70
N ASP A 275 4.52 2.36 13.48
CA ASP A 275 5.55 2.84 14.38
C ASP A 275 4.99 3.42 15.67
N VAL A 276 3.77 3.95 15.63
CA VAL A 276 3.16 4.55 16.81
C VAL A 276 2.51 3.46 17.66
N VAL A 277 2.92 3.37 18.92
CA VAL A 277 2.36 2.43 19.88
C VAL A 277 1.86 3.24 21.07
N SER A 278 0.62 2.98 21.48
CA SER A 278 -0.02 3.79 22.50
C SER A 278 -0.98 2.92 23.31
N ARG A 279 -1.18 3.32 24.57
CA ARG A 279 -2.17 2.66 25.41
C ARG A 279 -3.57 2.97 24.91
N CYS A 280 -4.44 1.97 24.97
CA CYS A 280 -5.83 2.17 24.59
C CYS A 280 -6.71 1.49 25.63
N THR A 281 -8.01 1.81 25.57
CA THR A 281 -8.96 1.17 26.46
C THR A 281 -9.20 -0.26 26.03
N LYS A 282 -9.69 -1.08 26.96
CA LYS A 282 -10.15 -2.42 26.61
C LYS A 282 -11.29 -2.34 25.60
N GLU A 283 -12.18 -1.37 25.76
CA GLU A 283 -13.31 -1.21 24.85
C GLU A 283 -12.85 -0.96 23.42
N GLU A 284 -11.77 -0.19 23.26
CA GLU A 284 -11.27 0.10 21.92
C GLU A 284 -10.66 -1.13 21.26
N ALA A 285 -10.08 -2.03 22.05
CA ALA A 285 -9.42 -3.20 21.50
C ALA A 285 -10.41 -4.29 21.11
N ILE A 286 -11.49 -4.44 21.88
CA ILE A 286 -12.42 -5.54 21.68
C ILE A 286 -13.72 -5.02 21.08
N GLU A 287 -14.51 -4.30 21.89
CA GLU A 287 -15.85 -3.91 21.49
C GLU A 287 -15.84 -3.06 20.22
N HIS A 288 -14.92 -2.11 20.12
CA HIS A 288 -14.89 -1.19 18.99
C HIS A 288 -14.51 -1.87 17.68
N ASN A 289 -13.96 -3.09 17.72
CA ASN A 289 -13.59 -3.82 16.52
C ASN A 289 -14.58 -4.92 16.16
N TYR A 290 -15.79 -4.87 16.74
CA TYR A 290 -16.83 -5.82 16.36
C TYR A 290 -17.37 -5.53 14.95
N GLY A 291 -17.33 -4.28 14.52
CA GLY A 291 -17.89 -3.89 13.25
C GLY A 291 -19.40 -3.68 13.32
N GLY A 292 -19.95 -3.23 12.19
CA GLY A 292 -21.39 -3.05 12.07
C GLY A 292 -21.85 -1.62 11.96
N HIS A 301 -19.65 1.26 10.18
CA HIS A 301 -18.27 1.62 9.87
C HIS A 301 -17.55 0.48 9.17
N CYS A 302 -16.22 0.61 9.02
CA CYS A 302 -15.42 -0.34 8.26
C CYS A 302 -14.21 -0.85 9.03
N THR A 303 -14.25 -0.79 10.36
CA THR A 303 -13.13 -1.20 11.20
C THR A 303 -13.56 -2.43 12.01
N ASN A 304 -12.82 -3.52 11.85
CA ASN A 304 -13.20 -4.77 12.50
C ASN A 304 -12.04 -5.76 12.44
N ALA A 305 -12.11 -6.77 13.29
CA ALA A 305 -11.06 -7.77 13.39
C ALA A 305 -11.22 -8.85 12.32
N TYR A 306 -10.08 -9.34 11.82
CA TYR A 306 -10.07 -10.47 10.91
C TYR A 306 -9.26 -11.65 11.44
N MET A 307 -8.52 -11.49 12.52
CA MET A 307 -7.77 -12.59 13.13
C MET A 307 -7.69 -12.33 14.63
N LEU A 308 -7.83 -13.40 15.41
CA LEU A 308 -7.79 -13.32 16.87
C LEU A 308 -6.79 -14.33 17.40
N VAL A 309 -6.14 -13.97 18.50
CA VAL A 309 -5.20 -14.84 19.18
C VAL A 309 -5.69 -15.02 20.61
N TYR A 310 -5.95 -16.26 20.98
CA TYR A 310 -6.35 -16.64 22.33
C TYR A 310 -5.29 -17.55 22.93
N ILE A 311 -5.04 -17.39 24.23
CA ILE A 311 -4.09 -18.22 24.97
C ILE A 311 -4.84 -18.93 26.09
N ARG A 312 -4.61 -20.23 26.23
CA ARG A 312 -5.30 -21.00 27.25
C ARG A 312 -4.90 -20.50 28.64
N GLU A 313 -5.90 -20.40 29.52
CA GLU A 313 -5.68 -19.79 30.83
C GLU A 313 -4.57 -20.49 31.61
N SER A 314 -4.56 -21.82 31.59
CA SER A 314 -3.55 -22.57 32.33
C SER A 314 -2.17 -22.47 31.70
N LYS A 315 -2.07 -22.00 30.45
CA LYS A 315 -0.80 -21.88 29.75
C LYS A 315 -0.30 -20.45 29.69
N LEU A 316 -1.04 -19.49 30.24
CA LEU A 316 -0.71 -18.08 30.10
C LEU A 316 0.69 -17.78 30.62
N SER A 317 1.01 -18.28 31.81
CA SER A 317 2.27 -17.91 32.45
C SER A 317 3.48 -18.41 31.67
N GLU A 318 3.37 -19.62 31.08
CA GLU A 318 4.52 -20.18 30.37
C GLU A 318 4.66 -19.56 28.98
N VAL A 319 3.55 -19.43 28.26
CA VAL A 319 3.59 -18.83 26.92
C VAL A 319 4.09 -17.41 26.99
N LEU A 320 3.65 -16.64 28.00
CA LEU A 320 4.04 -15.26 28.17
C LEU A 320 5.15 -15.07 29.21
N GLN A 321 6.04 -16.05 29.34
CA GLN A 321 7.14 -15.96 30.29
C GLN A 321 8.04 -14.78 29.95
N ALA A 322 8.76 -14.28 30.95
CA ALA A 322 9.58 -13.11 30.77
C ALA A 322 10.76 -13.38 29.84
N VAL A 323 11.11 -12.38 29.04
CA VAL A 323 12.25 -12.45 28.13
C VAL A 323 13.22 -11.33 28.51
N THR A 324 14.42 -11.71 28.95
CA THR A 324 15.45 -10.75 29.31
C THR A 324 16.47 -10.64 28.17
N ASP A 325 17.47 -9.79 28.39
CA ASP A 325 18.54 -9.65 27.39
C ASP A 325 19.42 -10.89 27.35
N HIS A 326 19.54 -11.60 28.46
CA HIS A 326 20.37 -12.79 28.52
C HIS A 326 19.71 -14.00 27.87
N ASP A 327 18.45 -13.88 27.46
CA ASP A 327 17.81 -14.95 26.69
C ASP A 327 18.22 -14.94 25.23
N ILE A 328 18.98 -13.94 24.80
CA ILE A 328 19.54 -13.89 23.45
C ILE A 328 20.97 -14.40 23.50
N PRO A 329 21.29 -15.50 22.84
CA PRO A 329 22.66 -16.03 22.88
C PRO A 329 23.69 -14.98 22.47
N GLN A 330 24.90 -15.11 23.01
CA GLN A 330 25.93 -14.10 22.80
C GLN A 330 26.35 -14.02 21.34
N GLN A 331 26.44 -15.16 20.66
CA GLN A 331 26.82 -15.14 19.25
C GLN A 331 25.79 -14.41 18.40
N LEU A 332 24.52 -14.43 18.80
CA LEU A 332 23.50 -13.70 18.06
C LEU A 332 23.67 -12.20 18.23
N VAL A 333 23.84 -11.75 19.48
CA VAL A 333 24.00 -10.32 19.75
C VAL A 333 25.24 -9.78 19.04
N GLU A 334 26.32 -10.56 19.02
CA GLU A 334 27.56 -10.09 18.39
C GLU A 334 27.37 -9.89 16.89
N ARG A 335 26.58 -10.76 16.24
CA ARG A 335 26.39 -10.64 14.80
C ARG A 335 25.52 -9.44 14.46
N LEU A 336 24.42 -9.25 15.19
CA LEU A 336 23.52 -8.14 14.90
C LEU A 336 24.14 -6.80 15.24
N GLN A 337 24.83 -6.73 16.38
CA GLN A 337 25.58 -5.52 16.72
C GLN A 337 26.63 -5.22 15.66
N GLU A 338 27.26 -6.27 15.10
CA GLU A 338 28.17 -6.07 13.99
C GLU A 338 27.42 -5.53 12.77
N GLU A 339 26.20 -6.00 12.54
CA GLU A 339 25.42 -5.52 11.41
C GLU A 339 25.07 -4.05 11.57
N LYS A 340 24.55 -3.67 12.75
CA LYS A 340 24.22 -2.28 13.01
C LYS A 340 25.46 -1.40 12.93
N ARG A 341 26.62 -1.94 13.35
CA ARG A 341 27.85 -1.16 13.25
C ARG A 341 28.29 -1.00 11.80
N ILE A 342 28.04 -2.00 10.95
CA ILE A 342 28.44 -1.88 9.54
C ILE A 342 27.59 -0.84 8.84
N GLU A 343 26.26 -0.90 9.02
CA GLU A 343 25.38 0.05 8.36
C GLU A 343 25.59 1.46 8.88
N ALA A 344 25.93 1.61 10.17
CA ALA A 344 26.20 2.93 10.71
C ALA A 344 27.39 3.61 10.05
N GLN A 345 28.22 2.86 9.32
CA GLN A 345 29.34 3.42 8.58
C GLN A 345 28.91 3.66 7.14
N LYS A 346 28.25 4.80 6.93
CA LYS A 346 27.78 5.19 5.61
C LYS A 346 28.26 6.59 5.26
N LYS B 1 -22.79 4.08 -13.02
CA LYS B 1 -21.75 4.93 -13.60
C LYS B 1 -22.29 6.34 -13.83
N HIS B 2 -22.72 6.97 -12.73
CA HIS B 2 -23.39 8.26 -12.81
C HIS B 2 -22.43 9.40 -13.10
N THR B 3 -21.28 9.08 -13.70
CA THR B 3 -20.28 10.07 -14.08
C THR B 3 -19.93 10.06 -15.56
N GLY B 4 -19.98 8.91 -16.21
CA GLY B 4 -19.52 8.77 -17.58
C GLY B 4 -18.06 8.42 -17.71
N TYR B 5 -17.34 8.24 -16.61
CA TYR B 5 -15.93 7.93 -16.62
C TYR B 5 -15.69 6.67 -15.79
N VAL B 6 -14.69 5.89 -16.20
CA VAL B 6 -14.38 4.62 -15.57
C VAL B 6 -13.06 4.73 -14.82
N GLY B 7 -12.93 3.93 -13.76
CA GLY B 7 -11.77 3.97 -12.88
C GLY B 7 -10.69 2.98 -13.30
N LEU B 8 -9.71 2.83 -12.41
CA LEU B 8 -8.57 1.97 -12.63
C LEU B 8 -8.45 0.97 -11.49
N LYS B 9 -8.01 -0.25 -11.81
CA LYS B 9 -7.90 -1.30 -10.81
C LYS B 9 -6.79 -0.98 -9.81
N ASN B 10 -6.98 -1.43 -8.57
CA ASN B 10 -5.96 -1.38 -7.53
C ASN B 10 -5.24 -2.72 -7.57
N GLN B 11 -4.19 -2.80 -8.38
CA GLN B 11 -3.44 -4.03 -8.58
C GLN B 11 -2.08 -4.00 -7.89
N GLY B 12 -2.01 -3.35 -6.74
CA GLY B 12 -0.78 -3.27 -5.98
C GLY B 12 -0.68 -1.92 -5.30
N ALA B 13 0.53 -1.63 -4.81
CA ALA B 13 0.82 -0.32 -4.21
C ALA B 13 1.42 0.62 -5.24
N THR B 14 0.74 0.77 -6.38
CA THR B 14 1.20 1.66 -7.44
C THR B 14 1.16 3.13 -7.04
N CYS B 15 0.59 3.45 -5.90
CA CYS B 15 0.65 4.79 -5.29
C CYS B 15 0.00 5.79 -6.23
N TYR B 16 0.70 6.84 -6.65
CA TYR B 16 0.18 7.94 -7.45
C TYR B 16 -0.13 7.54 -8.88
N MET B 17 0.20 6.31 -9.30
CA MET B 17 0.12 5.97 -10.71
C MET B 17 -1.32 6.08 -11.23
N ASN B 18 -2.30 5.66 -10.44
CA ASN B 18 -3.69 5.76 -10.89
C ASN B 18 -4.14 7.20 -11.03
N SER B 19 -3.64 8.08 -10.16
CA SER B 19 -4.00 9.50 -10.27
C SER B 19 -3.34 10.14 -11.49
N LEU B 20 -2.11 9.74 -11.80
CA LEU B 20 -1.41 10.32 -12.94
C LEU B 20 -2.04 9.87 -14.25
N LEU B 21 -2.48 8.61 -14.32
CA LEU B 21 -3.07 8.11 -15.56
C LEU B 21 -4.37 8.83 -15.89
N GLN B 22 -5.22 9.05 -14.89
CA GLN B 22 -6.45 9.81 -15.12
C GLN B 22 -6.15 11.25 -15.50
N THR B 23 -5.17 11.87 -14.82
CA THR B 23 -4.78 13.24 -15.14
C THR B 23 -4.31 13.35 -16.59
N LEU B 24 -3.52 12.38 -17.05
CA LEU B 24 -3.02 12.42 -18.42
C LEU B 24 -4.09 12.01 -19.42
N PHE B 25 -4.93 11.03 -19.05
CA PHE B 25 -6.03 10.62 -19.93
C PHE B 25 -6.92 11.81 -20.28
N PHE B 26 -7.19 12.68 -19.31
CA PHE B 26 -8.02 13.85 -19.51
C PHE B 26 -7.24 15.06 -19.97
N THR B 27 -5.99 14.89 -20.38
CA THR B 27 -5.29 15.87 -21.21
C THR B 27 -5.56 15.46 -22.66
N ASN B 28 -6.75 15.83 -23.15
CA ASN B 28 -7.29 15.25 -24.37
C ASN B 28 -6.35 15.42 -25.55
N GLN B 29 -5.74 16.60 -25.68
CA GLN B 29 -4.80 16.82 -26.77
C GLN B 29 -3.62 15.84 -26.68
N LEU B 30 -3.22 15.51 -25.46
CA LEU B 30 -2.16 14.50 -25.29
C LEU B 30 -2.67 13.11 -25.63
N ARG B 31 -3.88 12.77 -25.18
CA ARG B 31 -4.43 11.44 -25.43
C ARG B 31 -4.57 11.18 -26.93
N LYS B 32 -5.10 12.15 -27.68
CA LYS B 32 -5.22 11.98 -29.12
C LYS B 32 -3.85 11.86 -29.78
N ALA B 33 -2.83 12.51 -29.23
CA ALA B 33 -1.47 12.35 -29.74
C ALA B 33 -0.93 10.97 -29.40
N VAL B 34 -1.23 10.48 -28.20
CA VAL B 34 -0.80 9.14 -27.81
C VAL B 34 -1.39 8.10 -28.77
N TYR B 35 -2.63 8.31 -29.22
CA TYR B 35 -3.27 7.35 -30.11
C TYR B 35 -2.55 7.24 -31.46
N MET B 36 -1.86 8.29 -31.88
CA MET B 36 -1.27 8.33 -33.21
C MET B 36 0.16 7.82 -33.26
N MET B 37 0.69 7.32 -32.16
CA MET B 37 2.09 6.88 -32.16
C MET B 37 2.26 5.65 -33.06
N PRO B 38 3.30 5.63 -33.89
CA PRO B 38 3.51 4.46 -34.77
C PRO B 38 3.90 3.23 -33.98
N THR B 39 2.88 2.51 -33.49
CA THR B 39 3.06 1.51 -32.44
C THR B 39 2.85 0.08 -32.92
N GLU B 40 2.67 -0.13 -34.22
CA GLU B 40 2.33 -1.46 -34.72
C GLU B 40 3.49 -2.44 -34.55
N GLY B 41 4.71 -2.02 -34.87
CA GLY B 41 5.87 -2.88 -34.77
C GLY B 41 6.37 -3.15 -33.37
N ASP B 42 5.77 -2.52 -32.36
CA ASP B 42 6.26 -2.64 -31.00
C ASP B 42 5.95 -4.02 -30.41
N ASP B 43 6.78 -4.42 -29.46
CA ASP B 43 6.53 -5.62 -28.67
C ASP B 43 5.53 -5.30 -27.56
N SER B 44 4.48 -6.12 -27.46
CA SER B 44 3.33 -5.83 -26.59
C SER B 44 3.69 -5.88 -25.11
N SER B 45 4.97 -6.05 -24.78
CA SER B 45 5.37 -6.13 -23.39
C SER B 45 6.53 -5.20 -23.08
N LYS B 46 7.38 -4.93 -24.08
CA LYS B 46 8.49 -4.01 -23.89
C LYS B 46 8.09 -2.57 -24.11
N SER B 47 6.97 -2.32 -24.79
CA SER B 47 6.62 -0.98 -25.25
C SER B 47 5.84 -0.24 -24.18
N VAL B 48 6.38 0.89 -23.74
CA VAL B 48 5.65 1.83 -22.89
C VAL B 48 4.67 2.65 -23.72
N PRO B 49 5.04 3.12 -24.93
CA PRO B 49 4.02 3.77 -25.79
C PRO B 49 2.78 2.92 -26.03
N LEU B 50 2.96 1.62 -26.32
CA LEU B 50 1.81 0.75 -26.52
C LEU B 50 1.00 0.59 -25.25
N ALA B 51 1.68 0.44 -24.11
CA ALA B 51 0.97 0.26 -22.84
C ALA B 51 0.13 1.49 -22.50
N LEU B 52 0.64 2.69 -22.80
CA LEU B 52 -0.11 3.91 -22.50
C LEU B 52 -1.33 4.03 -23.41
N GLN B 53 -1.18 3.68 -24.69
CA GLN B 53 -2.33 3.63 -25.60
C GLN B 53 -3.36 2.64 -25.08
N ARG B 54 -2.91 1.46 -24.65
CA ARG B 54 -3.81 0.42 -24.19
C ARG B 54 -4.63 0.89 -22.99
N VAL B 55 -3.97 1.51 -22.01
CA VAL B 55 -4.66 2.01 -20.84
C VAL B 55 -5.63 3.13 -21.25
N PHE B 56 -5.18 4.06 -22.09
CA PHE B 56 -6.03 5.15 -22.53
C PHE B 56 -7.27 4.63 -23.25
N TYR B 57 -7.09 3.66 -24.14
CA TYR B 57 -8.23 3.08 -24.86
C TYR B 57 -9.22 2.44 -23.91
N GLU B 58 -8.72 1.66 -22.95
CA GLU B 58 -9.61 1.05 -21.97
C GLU B 58 -10.34 2.09 -21.14
N LEU B 59 -9.63 3.15 -20.74
CA LEU B 59 -10.27 4.22 -19.96
C LEU B 59 -11.34 4.95 -20.77
N GLN B 60 -11.27 4.90 -22.10
CA GLN B 60 -12.23 5.58 -22.94
C GLN B 60 -13.45 4.71 -23.29
N HIS B 61 -13.28 3.39 -23.34
CA HIS B 61 -14.32 2.51 -23.84
C HIS B 61 -14.86 1.51 -22.82
N SER B 62 -14.04 1.07 -21.85
CA SER B 62 -14.47 0.01 -20.96
C SER B 62 -15.51 0.50 -19.96
N ASP B 63 -16.51 -0.35 -19.69
CA ASP B 63 -17.46 -0.11 -18.61
C ASP B 63 -16.96 -0.61 -17.27
N LYS B 64 -16.01 -1.54 -17.26
CA LYS B 64 -15.40 -2.14 -16.09
C LYS B 64 -14.09 -1.43 -15.76
N PRO B 65 -13.62 -1.54 -14.50
CA PRO B 65 -12.32 -0.96 -14.14
C PRO B 65 -11.21 -1.41 -15.08
N VAL B 66 -10.11 -0.66 -15.12
CA VAL B 66 -9.04 -0.85 -16.10
C VAL B 66 -7.80 -1.37 -15.38
N GLY B 67 -7.18 -2.40 -15.95
CA GLY B 67 -5.95 -2.94 -15.40
C GLY B 67 -4.72 -2.28 -16.01
N THR B 68 -3.66 -2.20 -15.20
CA THR B 68 -2.45 -1.51 -15.59
C THR B 68 -1.21 -2.38 -15.39
N LYS B 69 -1.37 -3.69 -15.47
CA LYS B 69 -0.23 -4.57 -15.21
C LYS B 69 0.75 -4.59 -16.36
N LYS B 70 0.25 -4.51 -17.60
CA LYS B 70 1.16 -4.38 -18.73
C LYS B 70 1.93 -3.07 -18.66
N LEU B 71 1.30 -2.02 -18.15
CA LEU B 71 1.97 -0.72 -18.02
C LEU B 71 3.16 -0.80 -17.09
N THR B 72 2.93 -1.24 -15.85
CA THR B 72 3.99 -1.29 -14.86
C THR B 72 5.15 -2.19 -15.31
N LYS B 73 4.86 -3.26 -16.04
CA LYS B 73 5.94 -4.10 -16.55
C LYS B 73 6.73 -3.37 -17.64
N SER B 74 6.04 -2.61 -18.49
CA SER B 74 6.70 -2.01 -19.65
C SER B 74 7.84 -1.08 -19.24
N PHE B 75 7.71 -0.38 -18.11
CA PHE B 75 8.79 0.45 -17.62
C PHE B 75 9.40 -0.07 -16.32
N GLY B 76 9.17 -1.35 -16.01
CA GLY B 76 9.93 -2.05 -14.98
C GLY B 76 9.87 -1.52 -13.57
N TRP B 77 8.67 -1.20 -13.09
CA TRP B 77 8.45 -0.84 -11.69
C TRP B 77 7.57 -1.90 -11.06
N GLU B 78 8.11 -3.11 -10.89
CA GLU B 78 7.33 -4.25 -10.45
C GLU B 78 7.61 -4.68 -9.03
N THR B 79 8.56 -4.05 -8.33
CA THR B 79 8.85 -4.49 -6.98
C THR B 79 7.89 -3.86 -5.98
N LEU B 80 7.94 -4.36 -4.75
CA LEU B 80 7.00 -3.93 -3.71
C LEU B 80 7.16 -2.46 -3.35
N ASP B 81 8.33 -1.87 -3.59
CA ASP B 81 8.58 -0.49 -3.21
C ASP B 81 9.14 0.35 -4.34
N SER B 82 9.09 -0.13 -5.59
CA SER B 82 9.58 0.64 -6.72
C SER B 82 8.77 1.91 -6.98
N PHE B 83 7.66 2.11 -6.26
CA PHE B 83 6.93 3.36 -6.31
C PHE B 83 7.18 4.25 -5.09
N MET B 84 7.50 3.66 -3.93
CA MET B 84 7.84 4.46 -2.76
C MET B 84 9.26 5.00 -2.83
N GLN B 85 10.10 4.48 -3.73
CA GLN B 85 11.42 5.03 -3.95
C GLN B 85 11.39 6.24 -4.89
N HIS B 86 10.29 6.43 -5.61
CA HIS B 86 10.15 7.53 -6.54
C HIS B 86 8.96 8.40 -6.13
N ASP B 87 8.64 9.37 -6.99
CA ASP B 87 7.53 10.25 -6.77
C ASP B 87 6.79 10.42 -8.10
N VAL B 88 5.66 11.13 -8.05
CA VAL B 88 4.83 11.26 -9.24
C VAL B 88 5.55 12.06 -10.33
N GLN B 89 6.45 12.95 -9.94
CA GLN B 89 7.19 13.74 -10.93
C GLN B 89 8.09 12.85 -11.78
N GLU B 90 8.82 11.93 -11.14
CA GLU B 90 9.69 11.04 -11.90
C GLU B 90 8.87 10.10 -12.78
N LEU B 91 7.72 9.63 -12.30
CA LEU B 91 6.87 8.78 -13.13
C LEU B 91 6.37 9.52 -14.35
N CYS B 92 5.99 10.80 -14.19
CA CYS B 92 5.52 11.57 -15.33
C CYS B 92 6.63 11.76 -16.36
N ARG B 93 7.85 12.02 -15.90
CA ARG B 93 8.97 12.17 -16.82
C ARG B 93 9.24 10.87 -17.58
N VAL B 94 9.14 9.72 -16.90
CA VAL B 94 9.38 8.44 -17.56
C VAL B 94 8.37 8.22 -18.67
N LEU B 95 7.09 8.45 -18.39
CA LEU B 95 6.05 8.23 -19.38
C LEU B 95 6.14 9.25 -20.52
N LEU B 96 6.28 10.53 -20.19
CA LEU B 96 6.29 11.57 -21.21
C LEU B 96 7.57 11.51 -22.06
N ASP B 97 8.68 11.05 -21.49
CA ASP B 97 9.88 10.87 -22.29
C ASP B 97 9.70 9.74 -23.30
N ASN B 98 8.99 8.67 -22.91
CA ASN B 98 8.75 7.57 -23.82
C ASN B 98 7.84 7.97 -24.97
N VAL B 99 6.75 8.67 -24.67
CA VAL B 99 5.79 9.03 -25.72
C VAL B 99 6.39 10.08 -26.65
N GLU B 100 7.07 11.03 -26.06
CA GLU B 100 7.64 12.09 -26.84
C GLU B 100 8.60 11.55 -27.74
N ASN B 101 9.39 10.63 -27.26
CA ASN B 101 10.38 9.98 -28.12
CA ASN B 101 10.39 9.95 -28.22
C ASN B 101 9.95 9.13 -29.41
N LYS B 102 8.88 8.44 -29.10
CA LYS B 102 8.13 7.65 -30.00
C LYS B 102 7.49 8.53 -31.00
N MET B 103 7.13 9.74 -30.62
CA MET B 103 6.51 10.65 -31.59
C MET B 103 7.52 11.31 -32.51
N LYS B 104 8.81 11.10 -32.32
CA LYS B 104 9.79 11.73 -33.19
C LYS B 104 9.68 11.17 -34.60
N GLY B 105 9.66 12.06 -35.59
CA GLY B 105 9.53 11.67 -36.98
C GLY B 105 8.12 11.46 -37.47
N THR B 106 7.11 11.72 -36.65
CA THR B 106 5.72 11.58 -37.05
C THR B 106 5.06 12.96 -37.09
N CYS B 107 3.84 12.99 -37.64
CA CYS B 107 3.11 14.26 -37.76
C CYS B 107 2.79 14.86 -36.41
N VAL B 108 2.74 14.05 -35.35
CA VAL B 108 2.40 14.52 -34.02
C VAL B 108 3.65 14.84 -33.20
N GLU B 109 4.83 14.82 -33.81
CA GLU B 109 6.06 15.16 -33.13
C GLU B 109 5.99 16.57 -32.55
N GLY B 110 6.46 16.71 -31.31
CA GLY B 110 6.45 17.98 -30.62
C GLY B 110 5.25 18.22 -29.75
N THR B 111 4.39 17.22 -29.56
CA THR B 111 3.18 17.42 -28.75
C THR B 111 3.51 17.66 -27.30
N ILE B 112 4.47 16.90 -26.75
CA ILE B 112 4.80 17.05 -25.32
C ILE B 112 5.32 18.44 -25.00
N PRO B 113 6.33 18.98 -25.68
CA PRO B 113 6.75 20.35 -25.36
C PRO B 113 5.70 21.40 -25.65
N LYS B 114 4.87 21.20 -26.67
CA LYS B 114 3.81 22.17 -26.97
C LYS B 114 2.86 22.32 -25.79
N LEU B 115 2.59 21.22 -25.08
CA LEU B 115 1.65 21.26 -23.97
C LEU B 115 2.32 21.67 -22.66
N PHE B 116 3.55 21.22 -22.43
CA PHE B 116 4.15 21.27 -21.10
C PHE B 116 5.37 22.16 -20.95
N ARG B 117 6.00 22.59 -22.04
CA ARG B 117 7.29 23.27 -21.95
C ARG B 117 7.09 24.76 -21.75
N GLY B 118 7.74 25.30 -20.72
CA GLY B 118 7.86 26.72 -20.50
C GLY B 118 9.30 27.17 -20.54
N LYS B 119 9.50 28.48 -20.40
CA LYS B 119 10.82 29.08 -20.52
C LYS B 119 11.11 29.96 -19.31
N MET B 120 12.25 29.74 -18.68
CA MET B 120 12.76 30.58 -17.60
C MET B 120 14.04 31.26 -18.04
N VAL B 121 14.42 32.28 -17.27
CA VAL B 121 15.76 32.87 -17.34
C VAL B 121 16.31 32.93 -15.91
N SER B 122 17.41 32.23 -15.68
CA SER B 122 18.15 32.31 -14.43
C SER B 122 19.29 33.29 -14.61
N TYR B 123 19.44 34.22 -13.66
CA TYR B 123 20.44 35.26 -13.76
C TYR B 123 21.37 35.24 -12.57
N ILE B 124 22.60 35.68 -12.79
CA ILE B 124 23.58 35.95 -11.75
C ILE B 124 24.14 37.33 -12.02
N GLN B 125 23.73 38.31 -11.22
CA GLN B 125 24.15 39.70 -11.40
C GLN B 125 25.13 40.07 -10.30
N CYS B 126 26.32 40.51 -10.69
CA CYS B 126 27.30 40.97 -9.73
C CYS B 126 26.93 42.33 -9.15
N LYS B 127 27.27 42.53 -7.89
CA LYS B 127 26.95 43.79 -7.22
C LYS B 127 28.04 44.84 -7.47
N GLU B 128 29.29 44.48 -7.20
CA GLU B 128 30.39 45.43 -7.18
C GLU B 128 31.11 45.54 -8.52
N VAL B 129 30.56 44.95 -9.59
CA VAL B 129 31.21 45.00 -10.90
C VAL B 129 30.17 44.67 -11.95
N ASP B 130 30.36 45.22 -13.15
CA ASP B 130 29.39 45.11 -14.25
C ASP B 130 29.59 43.77 -14.94
N TYR B 131 28.92 42.73 -14.45
CA TYR B 131 28.88 41.45 -15.13
C TYR B 131 27.58 40.74 -14.79
N ARG B 132 26.90 40.25 -15.82
CA ARG B 132 25.65 39.52 -15.64
C ARG B 132 25.66 38.31 -16.57
N SER B 133 25.15 37.19 -16.07
CA SER B 133 25.07 35.96 -16.85
C SER B 133 23.63 35.47 -16.83
N ASP B 134 22.98 35.49 -17.99
CA ASP B 134 21.60 35.04 -18.15
C ASP B 134 21.60 33.72 -18.91
N ARG B 135 20.99 32.70 -18.33
CA ARG B 135 20.78 31.42 -19.00
C ARG B 135 19.29 31.22 -19.23
N ARG B 136 18.92 30.91 -20.47
CA ARG B 136 17.53 30.66 -20.84
C ARG B 136 17.28 29.16 -20.73
N GLU B 137 16.51 28.77 -19.73
CA GLU B 137 16.24 27.36 -19.45
C GLU B 137 14.78 27.01 -19.75
N ASP B 138 14.58 25.80 -20.24
CA ASP B 138 13.25 25.24 -20.38
C ASP B 138 12.84 24.52 -19.10
N TYR B 139 11.54 24.42 -18.90
CA TYR B 139 10.99 23.64 -17.80
C TYR B 139 9.69 22.99 -18.28
N TYR B 140 9.34 21.88 -17.62
CA TYR B 140 8.13 21.15 -17.95
C TYR B 140 7.18 21.00 -16.76
N ASP B 141 7.59 21.44 -15.58
CA ASP B 141 6.74 21.53 -14.39
C ASP B 141 7.46 22.43 -13.40
N ILE B 142 6.79 22.71 -12.28
CA ILE B 142 7.31 23.63 -11.28
C ILE B 142 7.14 22.99 -9.90
N GLN B 143 8.26 22.85 -9.18
CA GLN B 143 8.25 22.40 -7.79
C GLN B 143 8.07 23.63 -6.89
N LEU B 144 7.00 23.64 -6.11
CA LEU B 144 6.68 24.77 -5.25
C LEU B 144 6.95 24.43 -3.80
N SER B 145 7.72 25.30 -3.13
CA SER B 145 7.92 25.18 -1.69
C SER B 145 6.64 25.57 -0.97
N ILE B 146 6.15 24.68 -0.10
CA ILE B 146 4.95 24.94 0.66
C ILE B 146 5.24 25.26 2.12
N LYS B 147 6.34 24.75 2.69
CA LYS B 147 6.65 24.98 4.09
C LYS B 147 6.98 26.44 4.31
N GLY B 148 6.20 27.11 5.17
CA GLY B 148 6.31 28.54 5.37
C GLY B 148 5.39 29.37 4.51
N LYS B 149 4.86 28.80 3.43
CA LYS B 149 4.02 29.53 2.50
C LYS B 149 2.56 29.19 2.72
N LYS B 150 1.69 30.19 2.54
CA LYS B 150 0.26 30.02 2.79
C LYS B 150 -0.53 29.66 1.54
N ASN B 151 -0.07 30.05 0.36
CA ASN B 151 -0.81 29.77 -0.87
C ASN B 151 0.16 29.72 -2.05
N ILE B 152 -0.41 29.43 -3.23
CA ILE B 152 0.39 29.34 -4.45
C ILE B 152 1.11 30.65 -4.73
N PHE B 153 0.44 31.78 -4.45
CA PHE B 153 1.01 33.09 -4.73
C PHE B 153 2.34 33.28 -3.98
N GLU B 154 2.35 32.98 -2.68
CA GLU B 154 3.58 33.09 -1.91
C GLU B 154 4.65 32.13 -2.38
N SER B 155 4.25 30.93 -2.83
CA SER B 155 5.22 29.98 -3.36
C SER B 155 5.88 30.51 -4.62
N PHE B 156 5.11 31.16 -5.50
CA PHE B 156 5.71 31.78 -6.67
C PHE B 156 6.56 32.99 -6.28
N VAL B 157 6.11 33.76 -5.29
CA VAL B 157 6.92 34.85 -4.76
C VAL B 157 8.26 34.33 -4.28
N ASP B 158 8.24 33.21 -3.56
CA ASP B 158 9.48 32.62 -3.07
C ASP B 158 10.31 32.03 -4.22
N TYR B 159 9.65 31.55 -5.28
CA TYR B 159 10.37 30.91 -6.37
C TYR B 159 11.23 31.92 -7.12
N VAL B 160 10.71 33.12 -7.35
CA VAL B 160 11.42 34.14 -8.13
C VAL B 160 12.21 35.06 -7.20
N ALA B 161 12.28 34.70 -5.92
CA ALA B 161 13.01 35.52 -4.96
C ALA B 161 14.50 35.48 -5.24
N VAL B 162 15.20 36.54 -4.83
CA VAL B 162 16.62 36.69 -5.09
C VAL B 162 17.42 36.04 -3.97
N GLU B 163 18.44 35.28 -4.34
CA GLU B 163 19.33 34.62 -3.40
C GLU B 163 20.69 35.32 -3.45
N GLN B 164 21.24 35.65 -2.28
CA GLN B 164 22.46 36.42 -2.18
C GLN B 164 23.67 35.49 -2.13
N LEU B 165 24.69 35.80 -2.92
CA LEU B 165 25.94 35.04 -2.96
C LEU B 165 27.01 35.87 -2.25
N ASP B 166 27.31 35.50 -1.00
CA ASP B 166 28.21 36.27 -0.15
C ASP B 166 29.24 35.35 0.50
N GLY B 167 30.27 35.98 1.05
CA GLY B 167 31.29 35.33 1.87
C GLY B 167 31.73 33.95 1.43
N ASP B 168 31.27 32.93 2.16
CA ASP B 168 31.63 31.56 1.83
C ASP B 168 31.19 31.18 0.42
N ASN B 169 30.08 31.73 -0.05
CA ASN B 169 29.56 31.40 -1.37
C ASN B 169 29.57 32.59 -2.31
N LYS B 170 30.70 33.27 -2.43
CA LYS B 170 30.84 34.30 -3.44
C LYS B 170 30.83 33.67 -4.83
N TYR B 171 30.57 34.49 -5.83
CA TYR B 171 30.41 34.04 -7.21
C TYR B 171 31.68 34.24 -8.00
N ASP B 172 32.17 33.15 -8.61
CA ASP B 172 33.35 33.20 -9.46
C ASP B 172 33.00 34.00 -10.73
N ALA B 173 33.44 35.26 -10.77
CA ALA B 173 33.21 36.12 -11.92
C ALA B 173 34.38 36.12 -12.90
N GLY B 174 35.10 35.00 -13.00
CA GLY B 174 36.17 34.86 -13.96
C GLY B 174 37.25 35.91 -13.87
N GLU B 175 37.24 36.85 -14.81
CA GLU B 175 38.25 37.92 -14.82
C GLU B 175 38.17 38.77 -13.56
N HIS B 176 36.95 39.05 -13.08
CA HIS B 176 36.75 39.89 -11.92
C HIS B 176 37.03 39.18 -10.60
N GLY B 177 37.45 37.93 -10.62
CA GLY B 177 37.66 37.19 -9.40
C GLY B 177 36.35 36.93 -8.66
N LEU B 178 36.50 36.45 -7.43
CA LEU B 178 35.34 36.18 -6.59
C LEU B 178 34.58 37.47 -6.31
N GLN B 179 33.25 37.41 -6.44
CA GLN B 179 32.40 38.57 -6.31
C GLN B 179 31.15 38.22 -5.52
N GLU B 180 30.63 39.20 -4.80
CA GLU B 180 29.29 39.09 -4.23
C GLU B 180 28.27 39.40 -5.31
N ALA B 181 27.24 38.55 -5.43
CA ALA B 181 26.32 38.65 -6.54
C ALA B 181 24.92 38.24 -6.10
N GLU B 182 23.96 38.43 -6.99
CA GLU B 182 22.56 38.09 -6.77
C GLU B 182 22.12 37.07 -7.82
N LYS B 183 21.53 35.98 -7.36
CA LYS B 183 21.07 34.89 -8.20
C LYS B 183 19.55 34.77 -8.09
N GLY B 184 18.89 34.52 -9.21
CA GLY B 184 17.45 34.44 -9.21
C GLY B 184 16.93 33.81 -10.48
N VAL B 185 15.60 33.78 -10.59
CA VAL B 185 14.91 33.16 -11.72
C VAL B 185 13.71 34.02 -12.08
N LYS B 186 13.53 34.24 -13.39
CA LYS B 186 12.35 34.92 -13.91
C LYS B 186 11.69 34.03 -14.95
N PHE B 187 10.37 34.10 -15.03
CA PHE B 187 9.61 33.36 -16.03
C PHE B 187 9.50 34.18 -17.31
N LEU B 188 9.75 33.53 -18.45
CA LEU B 188 9.46 34.10 -19.76
C LEU B 188 8.10 33.66 -20.28
N THR B 189 7.80 32.38 -20.21
CA THR B 189 6.52 31.84 -20.64
C THR B 189 6.03 30.83 -19.63
N LEU B 190 4.73 30.60 -19.64
CA LEU B 190 4.08 29.54 -18.88
C LEU B 190 3.33 28.62 -19.83
N PRO B 191 3.42 27.31 -19.65
CA PRO B 191 2.92 26.38 -20.67
C PRO B 191 1.41 26.34 -20.70
N PRO B 192 0.82 25.77 -21.77
CA PRO B 192 -0.64 25.55 -21.75
C PRO B 192 -1.11 24.70 -20.59
N VAL B 193 -0.36 23.66 -20.23
CA VAL B 193 -0.71 22.76 -19.13
C VAL B 193 0.35 22.94 -18.05
N LEU B 194 -0.07 23.49 -16.92
CA LEU B 194 0.84 23.82 -15.81
C LEU B 194 0.74 22.72 -14.75
N HIS B 195 1.81 21.94 -14.60
CA HIS B 195 1.92 20.95 -13.54
C HIS B 195 2.70 21.54 -12.37
N LEU B 196 2.06 21.60 -11.21
CA LEU B 196 2.64 22.18 -10.00
C LEU B 196 2.88 21.08 -8.97
N GLN B 197 4.14 20.77 -8.72
CA GLN B 197 4.52 19.82 -7.68
C GLN B 197 4.59 20.55 -6.35
N LEU B 198 3.76 20.13 -5.40
CA LEU B 198 3.75 20.70 -4.05
C LEU B 198 4.68 19.87 -3.16
N MET B 199 5.77 20.48 -2.71
CA MET B 199 6.84 19.77 -2.01
C MET B 199 6.42 19.51 -0.55
N ARG B 200 5.42 18.64 -0.40
CA ARG B 200 5.02 18.18 0.93
C ARG B 200 5.95 17.09 1.45
N PHE B 201 6.59 16.35 0.56
CA PHE B 201 7.42 15.22 0.93
C PHE B 201 8.89 15.63 0.84
N MET B 202 9.55 15.71 1.98
CA MET B 202 10.98 16.05 2.08
C MET B 202 11.62 15.06 3.04
N TYR B 203 12.78 14.57 2.61
CA TYR B 203 13.55 13.50 3.25
C TYR B 203 14.10 13.62 4.66
N ASP B 204 14.20 12.42 5.26
CA ASP B 204 14.74 12.19 6.58
C ASP B 204 16.14 11.59 6.36
N PRO B 205 17.10 12.07 7.17
CA PRO B 205 18.52 11.82 7.38
C PRO B 205 18.70 11.39 8.83
N GLN B 206 19.61 10.46 9.09
CA GLN B 206 19.93 9.39 8.16
C GLN B 206 20.15 8.11 8.97
N THR B 207 19.81 6.98 8.38
CA THR B 207 19.23 7.01 7.05
C THR B 207 18.02 6.11 6.91
N ASP B 208 17.10 6.51 6.03
CA ASP B 208 15.95 5.68 5.73
C ASP B 208 14.57 6.31 5.63
N GLN B 209 14.35 7.62 5.53
CA GLN B 209 12.91 8.06 5.50
C GLN B 209 12.49 9.29 4.71
N ASN B 210 11.23 9.37 4.31
CA ASN B 210 10.78 10.58 3.65
C ASN B 210 9.55 11.15 4.37
N ILE B 211 9.76 12.29 5.00
CA ILE B 211 8.79 12.93 5.85
C ILE B 211 7.59 13.39 5.00
N LYS B 212 6.62 14.04 5.60
CA LYS B 212 5.54 14.63 4.83
C LYS B 212 4.92 15.78 5.60
N ILE B 213 5.01 16.98 5.05
CA ILE B 213 4.36 18.15 5.64
C ILE B 213 2.86 18.08 5.36
N ASN B 214 2.05 18.35 6.39
CA ASN B 214 0.59 18.38 6.26
C ASN B 214 0.02 19.75 6.55
N ASP B 215 0.82 20.82 6.44
CA ASP B 215 0.35 22.15 6.78
C ASP B 215 -0.72 22.61 5.78
N ARG B 216 -1.41 23.69 6.15
CA ARG B 216 -2.45 24.26 5.29
C ARG B 216 -1.80 25.02 4.15
N PHE B 217 -2.05 24.58 2.92
CA PHE B 217 -1.55 25.24 1.72
C PHE B 217 -2.73 25.41 0.76
N GLU B 218 -3.09 26.66 0.50
CA GLU B 218 -4.28 26.97 -0.29
C GLU B 218 -3.91 27.21 -1.75
N PHE B 219 -4.84 26.83 -2.64
CA PHE B 219 -4.70 27.06 -4.06
C PHE B 219 -6.06 27.47 -4.61
N PRO B 220 -6.08 28.41 -5.56
CA PRO B 220 -7.35 28.93 -6.06
C PRO B 220 -7.85 28.19 -7.30
N GLU B 221 -9.16 28.32 -7.52
CA GLU B 221 -9.76 27.75 -8.73
C GLU B 221 -9.24 28.44 -9.98
N GLN B 222 -9.02 29.75 -9.91
CA GLN B 222 -8.46 30.54 -11.00
C GLN B 222 -7.16 31.18 -10.52
N LEU B 223 -6.11 31.08 -11.34
CA LEU B 223 -4.77 31.46 -10.92
C LEU B 223 -4.18 32.48 -11.89
N PRO B 224 -4.22 33.77 -11.56
CA PRO B 224 -3.58 34.79 -12.41
C PRO B 224 -2.08 34.83 -12.16
N LEU B 225 -1.29 34.58 -13.21
CA LEU B 225 0.15 34.46 -13.09
C LEU B 225 0.90 35.52 -13.89
N ASP B 226 0.24 36.62 -14.26
CA ASP B 226 0.89 37.64 -15.08
C ASP B 226 2.04 38.31 -14.35
N GLU B 227 1.90 38.54 -13.03
CA GLU B 227 2.92 39.28 -12.29
C GLU B 227 4.28 38.61 -12.31
N PHE B 228 4.33 37.29 -12.50
CA PHE B 228 5.58 36.56 -12.47
C PHE B 228 6.20 36.41 -13.86
N LEU B 229 5.67 37.12 -14.86
CA LEU B 229 6.26 37.15 -16.18
C LEU B 229 7.12 38.40 -16.33
N GLN B 230 8.23 38.26 -17.05
CA GLN B 230 9.08 39.41 -17.32
C GLN B 230 8.41 40.40 -18.27
N LYS B 231 7.46 39.94 -19.07
CA LYS B 231 6.70 40.82 -19.97
C LYS B 231 5.40 40.12 -20.32
N THR B 232 4.28 40.76 -20.05
CA THR B 232 2.97 40.15 -20.25
C THR B 232 2.42 40.52 -21.62
N ASP B 233 1.45 39.71 -22.07
CA ASP B 233 0.77 39.93 -23.34
C ASP B 233 -0.65 40.37 -23.07
N PRO B 234 -1.00 41.64 -23.32
CA PRO B 234 -2.39 42.08 -23.08
C PRO B 234 -3.42 41.29 -23.87
N LYS B 235 -3.02 40.59 -24.95
CA LYS B 235 -3.92 39.75 -25.70
C LYS B 235 -4.03 38.34 -25.11
N ASP B 236 -3.04 37.89 -24.36
CA ASP B 236 -3.03 36.54 -23.78
C ASP B 236 -2.53 36.62 -22.35
N PRO B 237 -3.43 36.90 -21.41
CA PRO B 237 -3.04 36.91 -20.00
C PRO B 237 -2.82 35.50 -19.48
N ALA B 238 -1.86 35.38 -18.56
CA ALA B 238 -1.53 34.10 -17.96
C ALA B 238 -2.49 33.77 -16.82
N ASN B 239 -3.76 33.60 -17.18
CA ASN B 239 -4.79 33.12 -16.27
C ASN B 239 -4.93 31.62 -16.43
N TYR B 240 -4.94 30.90 -15.31
CA TYR B 240 -4.93 29.45 -15.32
C TYR B 240 -6.12 28.88 -14.57
N ILE B 241 -6.69 27.82 -15.12
CA ILE B 241 -7.88 27.16 -14.59
C ILE B 241 -7.46 25.85 -13.96
N LEU B 242 -7.92 25.60 -12.73
CA LEU B 242 -7.58 24.37 -12.04
C LEU B 242 -8.29 23.19 -12.69
N HIS B 243 -7.52 22.14 -13.02
CA HIS B 243 -8.05 20.96 -13.69
C HIS B 243 -7.99 19.72 -12.82
N ALA B 244 -6.83 19.40 -12.23
CA ALA B 244 -6.66 18.18 -11.45
C ALA B 244 -6.01 18.50 -10.12
N VAL B 245 -6.40 17.75 -9.10
CA VAL B 245 -5.85 17.88 -7.75
C VAL B 245 -5.48 16.49 -7.27
N LEU B 246 -4.20 16.13 -7.37
CA LEU B 246 -3.72 14.85 -6.89
C LEU B 246 -3.57 14.91 -5.37
N VAL B 247 -4.23 13.99 -4.66
CA VAL B 247 -4.38 14.04 -3.21
C VAL B 247 -3.84 12.77 -2.59
N HIS B 248 -3.23 12.90 -1.41
CA HIS B 248 -2.70 11.77 -0.66
C HIS B 248 -3.11 11.89 0.80
N SER B 249 -3.42 10.74 1.41
CA SER B 249 -3.74 10.66 2.82
C SER B 249 -3.05 9.43 3.41
N GLY B 250 -2.73 9.50 4.70
CA GLY B 250 -1.97 8.44 5.33
C GLY B 250 -2.69 7.10 5.26
N ASP B 251 -1.91 6.03 5.18
CA ASP B 251 -2.43 4.69 4.93
C ASP B 251 -1.30 3.68 5.03
N ASN B 252 -1.67 2.41 5.25
CA ASN B 252 -0.72 1.32 5.45
C ASN B 252 -0.64 0.31 4.31
N HIS B 253 -1.65 0.25 3.43
CA HIS B 253 -1.64 -0.68 2.32
C HIS B 253 -0.95 -0.11 1.09
N GLY B 254 -0.18 0.97 1.25
CA GLY B 254 0.51 1.57 0.15
C GLY B 254 0.14 3.03 -0.05
N GLY B 255 -0.56 3.60 0.91
CA GLY B 255 -1.01 4.98 0.81
C GLY B 255 -2.35 5.09 0.11
N HIS B 256 -3.11 6.09 0.50
CA HIS B 256 -4.41 6.38 -0.12
C HIS B 256 -4.21 7.54 -1.10
N TYR B 257 -4.26 7.23 -2.39
CA TYR B 257 -4.02 8.21 -3.44
C TYR B 257 -5.30 8.39 -4.24
N VAL B 258 -5.76 9.64 -4.32
CA VAL B 258 -6.99 9.99 -5.03
C VAL B 258 -6.71 11.24 -5.86
N VAL B 259 -7.34 11.32 -7.03
CA VAL B 259 -7.25 12.50 -7.89
C VAL B 259 -8.64 13.05 -8.13
N TYR B 260 -8.79 14.36 -7.97
CA TYR B 260 -10.02 15.06 -8.32
C TYR B 260 -9.83 15.76 -9.66
N LEU B 261 -10.88 15.78 -10.47
CA LEU B 261 -10.82 16.39 -11.80
C LEU B 261 -12.18 16.95 -12.18
N ASN B 262 -12.16 18.10 -12.86
CA ASN B 262 -13.30 18.54 -13.65
C ASN B 262 -12.90 18.36 -15.12
N PRO B 263 -13.09 17.18 -15.70
CA PRO B 263 -12.44 16.86 -16.99
C PRO B 263 -12.76 17.83 -18.11
N LYS B 264 -14.01 18.25 -18.27
CA LYS B 264 -14.37 19.16 -19.35
C LYS B 264 -13.97 20.61 -19.09
N GLY B 265 -13.44 20.91 -17.91
CA GLY B 265 -13.05 22.28 -17.60
C GLY B 265 -14.19 23.19 -17.22
N ASP B 266 -15.29 22.65 -16.69
CA ASP B 266 -16.51 23.41 -16.44
C ASP B 266 -16.81 23.61 -14.96
N GLY B 267 -15.88 23.25 -14.07
CA GLY B 267 -16.14 23.34 -12.65
C GLY B 267 -17.07 22.29 -12.11
N LYS B 268 -17.30 21.20 -12.85
CA LYS B 268 -18.08 20.06 -12.38
C LYS B 268 -17.10 18.92 -12.10
N TRP B 269 -16.89 18.64 -10.82
CA TRP B 269 -15.78 17.81 -10.37
C TRP B 269 -16.22 16.38 -10.08
N CYS B 270 -15.30 15.45 -10.31
CA CYS B 270 -15.48 14.05 -9.96
C CYS B 270 -14.32 13.59 -9.08
N LYS B 271 -14.59 12.59 -8.25
CA LYS B 271 -13.58 11.97 -7.42
C LYS B 271 -13.16 10.64 -8.02
N PHE B 272 -11.85 10.46 -8.22
CA PHE B 272 -11.30 9.26 -8.83
C PHE B 272 -10.50 8.51 -7.77
N ASP B 273 -11.22 7.80 -6.90
CA ASP B 273 -10.60 6.92 -5.91
C ASP B 273 -10.59 5.52 -6.51
N ASP B 274 -9.48 5.18 -7.18
CA ASP B 274 -9.29 3.88 -7.82
C ASP B 274 -10.45 3.65 -8.78
N ASP B 275 -11.21 2.57 -8.65
CA ASP B 275 -12.30 2.24 -9.56
C ASP B 275 -13.53 3.11 -9.31
N VAL B 276 -13.75 3.54 -8.07
CA VAL B 276 -14.93 4.31 -7.73
C VAL B 276 -14.77 5.73 -8.25
N VAL B 277 -15.55 6.09 -9.26
CA VAL B 277 -15.59 7.45 -9.81
C VAL B 277 -16.96 8.02 -9.48
N SER B 278 -16.99 9.10 -8.71
CA SER B 278 -18.23 9.69 -8.26
C SER B 278 -18.14 11.21 -8.36
N ARG B 279 -19.26 11.83 -8.71
CA ARG B 279 -19.34 13.29 -8.67
C ARG B 279 -19.14 13.79 -7.25
N CYS B 280 -18.59 14.99 -7.14
CA CYS B 280 -18.35 15.59 -5.82
C CYS B 280 -18.49 17.09 -5.93
N THR B 281 -18.55 17.74 -4.77
CA THR B 281 -18.65 19.19 -4.75
C THR B 281 -17.30 19.83 -5.09
N LYS B 282 -17.36 21.09 -5.52
CA LYS B 282 -16.14 21.84 -5.76
C LYS B 282 -15.35 22.03 -4.47
N GLU B 283 -16.06 22.23 -3.35
CA GLU B 283 -15.39 22.42 -2.07
C GLU B 283 -14.60 21.18 -1.66
N GLU B 284 -15.13 19.99 -1.94
CA GLU B 284 -14.42 18.77 -1.60
C GLU B 284 -13.15 18.62 -2.42
N ALA B 285 -13.15 19.12 -3.65
CA ALA B 285 -12.00 18.95 -4.54
C ALA B 285 -10.92 19.99 -4.28
N ILE B 286 -11.29 21.18 -3.80
CA ILE B 286 -10.33 22.27 -3.66
C ILE B 286 -10.11 22.59 -2.19
N GLU B 287 -11.09 23.21 -1.56
CA GLU B 287 -10.91 23.71 -0.19
C GLU B 287 -10.59 22.58 0.78
N HIS B 288 -11.26 21.44 0.64
CA HIS B 288 -11.09 20.33 1.58
C HIS B 288 -9.74 19.63 1.44
N ASN B 289 -8.95 19.98 0.43
CA ASN B 289 -7.62 19.41 0.24
C ASN B 289 -6.53 20.41 0.59
N TYR B 290 -6.83 21.37 1.48
CA TYR B 290 -5.85 22.35 1.90
C TYR B 290 -4.93 21.82 2.99
N GLY B 291 -5.43 20.92 3.83
CA GLY B 291 -4.66 20.43 4.97
C GLY B 291 -4.69 21.38 6.14
N GLY B 292 -4.10 20.95 7.24
CA GLY B 292 -4.04 21.76 8.44
C GLY B 292 -4.21 20.96 9.71
N HIS B 301 -5.94 18.21 9.70
CA HIS B 301 -6.10 16.83 9.25
C HIS B 301 -4.95 16.43 8.34
N CYS B 302 -5.04 15.26 7.70
CA CYS B 302 -3.92 14.72 6.95
C CYS B 302 -4.32 14.34 5.53
N THR B 303 -5.31 15.02 4.96
CA THR B 303 -5.71 14.82 3.56
C THR B 303 -5.49 16.12 2.82
N ASN B 304 -4.62 16.09 1.81
CA ASN B 304 -4.16 17.31 1.17
C ASN B 304 -3.58 16.99 -0.20
N ALA B 305 -3.34 18.04 -0.97
CA ALA B 305 -2.84 17.89 -2.33
C ALA B 305 -1.31 17.89 -2.36
N TYR B 306 -0.75 17.09 -3.25
CA TYR B 306 0.69 17.09 -3.51
C TYR B 306 1.03 17.44 -4.95
N MET B 307 0.04 17.62 -5.82
CA MET B 307 0.27 18.04 -7.20
C MET B 307 -1.01 18.65 -7.74
N LEU B 308 -0.86 19.75 -8.46
CA LEU B 308 -1.97 20.44 -9.11
C LEU B 308 -1.72 20.56 -10.60
N VAL B 309 -2.79 20.56 -11.37
CA VAL B 309 -2.72 20.75 -12.81
C VAL B 309 -3.59 21.96 -13.14
N TYR B 310 -2.99 22.95 -13.80
CA TYR B 310 -3.68 24.13 -14.29
C TYR B 310 -3.56 24.20 -15.80
N ILE B 311 -4.65 24.61 -16.46
CA ILE B 311 -4.65 24.81 -17.90
C ILE B 311 -4.90 26.28 -18.18
N ARG B 312 -4.14 26.83 -19.12
CA ARG B 312 -4.29 28.23 -19.49
C ARG B 312 -5.67 28.46 -20.09
N GLU B 313 -6.33 29.52 -19.64
CA GLU B 313 -7.72 29.76 -20.02
C GLU B 313 -7.89 29.88 -21.52
N SER B 314 -6.94 30.51 -22.21
CA SER B 314 -7.02 30.63 -23.66
C SER B 314 -6.73 29.33 -24.38
N LYS B 315 -6.20 28.33 -23.68
CA LYS B 315 -5.87 27.04 -24.28
C LYS B 315 -6.82 25.92 -23.87
N LEU B 316 -7.81 26.20 -23.02
CA LEU B 316 -8.70 25.17 -22.51
C LEU B 316 -9.35 24.37 -23.63
N SER B 317 -9.94 25.06 -24.61
CA SER B 317 -10.68 24.38 -25.67
C SER B 317 -9.77 23.49 -26.51
N GLU B 318 -8.54 23.92 -26.76
CA GLU B 318 -7.62 23.09 -27.55
C GLU B 318 -7.08 21.92 -26.74
N VAL B 319 -6.69 22.17 -25.48
CA VAL B 319 -6.16 21.11 -24.65
C VAL B 319 -7.23 20.07 -24.38
N LEU B 320 -8.47 20.51 -24.15
CA LEU B 320 -9.57 19.62 -23.80
C LEU B 320 -10.49 19.35 -24.99
N GLN B 321 -9.95 19.34 -26.21
CA GLN B 321 -10.74 19.08 -27.40
C GLN B 321 -11.42 17.72 -27.30
N ALA B 322 -12.55 17.60 -27.99
CA ALA B 322 -13.32 16.36 -27.94
C ALA B 322 -12.52 15.21 -28.52
N VAL B 323 -12.66 14.03 -27.91
CA VAL B 323 -12.01 12.81 -28.36
C VAL B 323 -13.10 11.80 -28.69
N THR B 324 -13.20 11.43 -29.96
CA THR B 324 -14.21 10.49 -30.42
C THR B 324 -13.53 9.17 -30.81
N ASP B 325 -14.36 8.15 -31.04
CA ASP B 325 -13.84 6.86 -31.46
C ASP B 325 -13.06 6.98 -32.76
N HIS B 326 -13.52 7.84 -33.66
CA HIS B 326 -12.86 8.10 -34.95
C HIS B 326 -11.52 8.82 -34.79
N ASP B 327 -11.00 8.89 -33.57
CA ASP B 327 -9.67 9.43 -33.32
C ASP B 327 -8.66 8.36 -32.94
N ILE B 328 -9.04 7.09 -32.95
CA ILE B 328 -8.16 5.98 -32.65
C ILE B 328 -7.92 5.21 -33.96
N PRO B 329 -6.67 5.05 -34.40
CA PRO B 329 -6.42 4.38 -35.67
C PRO B 329 -6.89 2.94 -35.67
N GLN B 330 -7.29 2.46 -36.85
CA GLN B 330 -7.74 1.08 -37.00
C GLN B 330 -6.65 0.11 -36.57
N GLN B 331 -5.42 0.33 -37.03
CA GLN B 331 -4.32 -0.58 -36.72
C GLN B 331 -4.08 -0.70 -35.23
N LEU B 332 -4.51 0.28 -34.44
CA LEU B 332 -4.39 0.18 -32.99
C LEU B 332 -5.59 -0.55 -32.39
N VAL B 333 -6.80 -0.22 -32.86
CA VAL B 333 -7.99 -0.87 -32.32
C VAL B 333 -7.95 -2.37 -32.58
N GLU B 334 -7.61 -2.76 -33.81
CA GLU B 334 -7.58 -4.17 -34.17
C GLU B 334 -6.57 -4.95 -33.32
N ARG B 335 -5.44 -4.32 -33.00
CA ARG B 335 -4.45 -4.98 -32.15
C ARG B 335 -4.97 -5.18 -30.73
N LEU B 336 -5.68 -4.18 -30.20
CA LEU B 336 -6.20 -4.30 -28.84
C LEU B 336 -7.42 -5.23 -28.77
N GLN B 337 -8.21 -5.29 -29.84
CA GLN B 337 -9.27 -6.29 -29.92
C GLN B 337 -8.68 -7.69 -29.85
N GLU B 338 -7.64 -7.95 -30.63
CA GLU B 338 -7.00 -9.27 -30.63
C GLU B 338 -6.44 -9.61 -29.25
N GLU B 339 -5.93 -8.62 -28.53
CA GLU B 339 -5.39 -8.88 -27.20
C GLU B 339 -6.49 -9.28 -26.22
N LYS B 340 -7.70 -8.73 -26.38
CA LYS B 340 -8.82 -9.19 -25.57
C LYS B 340 -9.21 -10.62 -25.92
N ARG B 341 -9.16 -10.97 -27.20
CA ARG B 341 -9.51 -12.32 -27.62
C ARG B 341 -8.58 -13.36 -27.00
N ILE B 342 -7.28 -13.04 -26.94
CA ILE B 342 -6.31 -13.99 -26.40
C ILE B 342 -6.44 -14.07 -24.88
N GLU B 343 -6.84 -12.97 -24.23
CA GLU B 343 -7.08 -13.01 -22.80
C GLU B 343 -8.41 -13.69 -22.47
N ALA B 344 -9.37 -13.65 -23.39
CA ALA B 344 -10.62 -14.37 -23.20
C ALA B 344 -10.50 -15.86 -23.48
N GLN B 345 -9.41 -16.29 -24.13
CA GLN B 345 -9.16 -17.71 -24.36
C GLN B 345 -8.33 -18.35 -23.26
N LYS B 346 -7.65 -17.56 -22.44
CA LYS B 346 -6.86 -18.10 -21.36
C LYS B 346 -7.73 -18.87 -20.38
C4 AJJ C . 2.45 -27.00 9.30
C5 AJJ C . 3.14 -27.72 10.46
C6 AJJ C . 2.34 -24.66 10.24
N1 AJJ C . 1.41 -23.71 9.93
C7 AJJ C . 1.19 -23.13 11.06
C8 AJJ C . 0.31 -22.00 11.35
N2 AJJ C . 2.67 -24.69 11.49
C9 AJJ C . 0.21 -21.49 12.65
C10 AJJ C . -0.59 -20.39 12.92
C11 AJJ C . -1.31 -19.79 11.90
C12 AJJ C . -1.23 -20.30 10.60
C13 AJJ C . -0.44 -21.40 10.35
N AJJ C . 4.59 -27.67 10.32
C AJJ C . 5.01 -28.35 9.08
O AJJ C . 1.91 -23.65 12.07
C1 AJJ C . 5.06 -26.29 10.34
C2 AJJ C . 4.46 -25.49 9.18
C3 AJJ C . 2.92 -25.55 9.19
O1 AJJ C . -2.08 -18.70 12.16
C1 GOL D . -5.41 -9.63 4.91
O1 GOL D . -5.89 -8.82 3.87
C2 GOL D . -6.48 -10.69 5.20
O2 GOL D . -6.96 -11.27 4.03
C3 GOL D . -5.79 -11.73 6.09
O3 GOL D . -6.61 -12.83 6.16
C4 AJJ E . 11.96 16.20 -20.72
C5 AJJ E . 11.63 16.86 -22.05
C6 AJJ E . 9.64 15.73 -19.87
N1 AJJ E . 9.30 15.69 -18.55
C7 AJJ E . 8.14 16.29 -18.54
C8 AJJ E . 7.26 16.52 -17.39
N2 AJJ E . 8.76 16.31 -20.65
C9 AJJ E . 7.59 16.05 -16.13
C10 AJJ E . 6.73 16.22 -15.06
C11 AJJ E . 5.52 16.87 -15.24
C12 AJJ E . 5.18 17.36 -16.50
C13 AJJ E . 6.05 17.19 -17.57
N AJJ E . 11.54 15.88 -23.12
C AJJ E . 11.33 16.53 -24.41
O AJJ E . 7.74 16.69 -19.75
C1 AJJ E . 10.46 14.94 -22.84
C2 AJJ E . 10.72 14.17 -21.53
C3 AJJ E . 10.92 15.14 -20.36
O1 AJJ E . 4.66 17.01 -14.20
C1 GOL F . 4.22 10.57 -3.86
O1 GOL F . 4.18 10.11 -2.55
C2 GOL F . 4.93 11.92 -3.86
O2 GOL F . 6.28 11.78 -3.53
C3 GOL F . 4.75 12.46 -5.28
O3 GOL F . 5.69 13.45 -5.50
#